data_1KTK
#
_entry.id   1KTK
#
_cell.length_a   57.378
_cell.length_b   146.764
_cell.length_c   135.690
_cell.angle_alpha   90.00
_cell.angle_beta   98.61
_cell.angle_gamma   90.00
#
_symmetry.space_group_name_H-M   'P 1 21 1'
#
loop_
_entity.id
_entity.type
_entity.pdbx_description
1 polymer 'Exotoxin type C'
2 polymer 'T-cell receptor beta chain'
#
loop_
_entity_poly.entity_id
_entity_poly.type
_entity_poly.pdbx_seq_one_letter_code
_entity_poly.pdbx_strand_id
1 'polypeptide(L)'
;DSKKDISNVKSDLLYAYTITPYDYKDCRVNFSTTHTLNIDTQKYRGKDYYISSEMSYEASQKFKRDDHVDVFGLFYILNS
HTGEYIYGGITPAQNNKVNHKLLGNLFISGESQQNLNNKIILEKDIVTFQEIDFKIRKYLMDNYKIYDATSPYVSGRIEI
GTKDGKHEQIDLFDSPNEGTRSDIFAKYKDNRIINMKNFSHFDIYLEK
;
A,B,C,D
2 'polypeptide(L)'
;GAVVSQHPSRVIAKSGTSVKIECRSLDFQATTMFWYRQFPKQSLMLMATSAEGSKATYEQGVEKDKFLINHASLTLSTLT
VTSAHPEDSSFYICSALAGSGSSTDTQYFGPGTRLTVLEDLKNFPPEVAVFEPSEAEISHTQKATLVCLATGFYPDHVEL
SWWVNGKEVHSGVSTDPQPLKEQPALNDSRYALSSRLRVSATFWQNPRNHFRCQVQFYGLSENDEWTQDRAKPVTQIVSA
EAWGRAD
;
E,F
#
# COMPACT_ATOMS: atom_id res chain seq x y z
N LYS A 3 -12.00 -21.39 -10.87
CA LYS A 3 -12.22 -21.14 -12.32
C LYS A 3 -10.94 -21.32 -13.15
N LYS A 4 -10.16 -22.35 -12.84
CA LYS A 4 -8.91 -22.65 -13.54
C LYS A 4 -8.68 -22.08 -14.96
N ASP A 5 -7.96 -20.95 -15.05
CA ASP A 5 -7.63 -20.28 -16.31
C ASP A 5 -6.11 -20.32 -16.47
N ILE A 6 -5.52 -21.44 -16.09
CA ILE A 6 -4.09 -21.61 -16.11
C ILE A 6 -3.21 -20.63 -16.88
N SER A 7 -3.50 -20.33 -18.14
CA SER A 7 -2.60 -19.42 -18.84
C SER A 7 -2.75 -17.95 -18.59
N ASN A 8 -3.97 -17.47 -18.35
CA ASN A 8 -4.06 -16.04 -18.04
C ASN A 8 -3.93 -15.99 -16.53
N VAL A 9 -2.69 -16.26 -16.13
CA VAL A 9 -2.24 -16.30 -14.76
C VAL A 9 -0.72 -16.48 -14.85
N LYS A 10 -0.27 -17.62 -15.37
CA LYS A 10 1.17 -17.85 -15.52
C LYS A 10 1.76 -16.55 -16.08
N SER A 11 0.88 -15.78 -16.72
CA SER A 11 1.25 -14.51 -17.34
C SER A 11 1.23 -13.35 -16.33
N ASP A 12 0.09 -13.13 -15.66
CA ASP A 12 0.05 -12.01 -14.70
C ASP A 12 1.14 -12.24 -13.66
N LEU A 13 1.47 -13.51 -13.41
CA LEU A 13 2.53 -13.79 -12.46
C LEU A 13 3.83 -13.46 -13.17
N LEU A 14 4.17 -14.22 -14.22
CA LEU A 14 5.41 -13.93 -14.94
C LEU A 14 5.58 -12.42 -15.06
N TYR A 15 4.51 -11.71 -15.36
CA TYR A 15 4.69 -10.26 -15.51
C TYR A 15 4.97 -9.62 -14.14
N ALA A 16 4.32 -10.13 -13.10
CA ALA A 16 4.46 -9.57 -11.77
C ALA A 16 5.80 -9.85 -11.09
N TYR A 17 6.09 -11.12 -10.82
CA TYR A 17 7.34 -11.50 -10.16
C TYR A 17 8.64 -11.18 -10.90
N THR A 18 8.58 -10.95 -12.21
CA THR A 18 9.83 -10.60 -12.87
C THR A 18 10.00 -9.17 -12.43
N ILE A 19 10.59 -8.99 -11.25
CA ILE A 19 10.76 -7.67 -10.66
C ILE A 19 11.99 -7.58 -9.75
N THR A 20 12.64 -6.41 -9.64
CA THR A 20 13.78 -6.35 -8.72
C THR A 20 13.17 -5.82 -7.44
N PRO A 21 13.30 -6.55 -6.32
CA PRO A 21 12.74 -6.17 -5.02
C PRO A 21 13.39 -4.98 -4.35
N TYR A 22 12.68 -4.38 -3.41
CA TYR A 22 13.21 -3.25 -2.68
C TYR A 22 13.85 -3.89 -1.43
N ASP A 23 15.14 -3.62 -1.25
CA ASP A 23 15.86 -4.17 -0.14
C ASP A 23 16.63 -3.08 0.56
N TYR A 24 15.95 -2.28 1.39
CA TYR A 24 16.61 -1.22 2.15
C TYR A 24 16.73 -1.75 3.55
N LYS A 25 17.96 -1.97 3.98
CA LYS A 25 18.19 -2.54 5.32
C LYS A 25 18.71 -1.49 6.28
N ASP A 26 18.30 -1.59 7.54
CA ASP A 26 18.70 -0.64 8.55
C ASP A 26 18.14 0.74 8.19
N CYS A 27 16.83 0.82 8.00
CA CYS A 27 16.19 2.07 7.68
C CYS A 27 15.51 2.66 8.91
N ARG A 28 15.38 3.98 8.91
CA ARG A 28 14.76 4.68 10.00
C ARG A 28 13.33 4.96 9.64
N VAL A 29 12.42 4.89 10.61
CA VAL A 29 11.00 5.17 10.33
C VAL A 29 10.58 6.40 11.13
N ASN A 30 9.99 7.38 10.46
CA ASN A 30 9.57 8.61 11.14
C ASN A 30 8.12 8.59 11.64
N PHE A 31 7.18 8.12 10.85
CA PHE A 31 5.80 8.10 11.32
C PHE A 31 5.04 6.84 10.90
N SER A 32 3.83 6.68 11.41
CA SER A 32 3.02 5.53 11.10
C SER A 32 1.55 5.82 11.43
N THR A 33 0.69 5.87 10.42
CA THR A 33 -0.72 6.13 10.65
C THR A 33 -1.33 4.80 11.09
N THR A 34 -2.44 4.43 10.47
CA THR A 34 -3.08 3.17 10.79
C THR A 34 -2.63 2.14 9.76
N HIS A 35 -3.41 2.03 8.68
CA HIS A 35 -3.14 1.07 7.61
C HIS A 35 -1.72 1.08 7.06
N THR A 36 -1.02 2.20 7.16
CA THR A 36 0.32 2.25 6.58
C THR A 36 1.47 2.57 7.52
N LEU A 37 2.67 2.24 7.04
CA LEU A 37 3.89 2.51 7.75
C LEU A 37 4.72 3.40 6.81
N ASN A 38 5.56 4.26 7.38
CA ASN A 38 6.35 5.16 6.57
C ASN A 38 7.80 5.04 6.97
N ILE A 39 8.62 4.49 6.07
CA ILE A 39 10.02 4.27 6.33
C ILE A 39 10.91 5.21 5.51
N ASP A 40 12.02 5.59 6.12
CA ASP A 40 13.02 6.50 5.54
C ASP A 40 14.10 5.80 4.67
N THR A 41 14.17 6.15 3.38
CA THR A 41 15.13 5.56 2.46
C THR A 41 16.05 6.57 1.81
N GLN A 42 16.28 7.70 2.48
CA GLN A 42 17.15 8.73 1.90
C GLN A 42 18.61 8.39 1.65
N LYS A 43 19.22 7.53 2.48
CA LYS A 43 20.63 7.15 2.29
C LYS A 43 20.72 6.24 1.10
N TYR A 44 19.59 5.61 0.78
CA TYR A 44 19.48 4.70 -0.37
C TYR A 44 19.04 5.40 -1.68
N ARG A 45 17.79 5.83 -1.75
CA ARG A 45 17.30 6.45 -2.96
C ARG A 45 17.45 7.95 -3.15
N GLY A 46 17.70 8.70 -2.08
CA GLY A 46 17.89 10.12 -2.24
C GLY A 46 16.98 10.99 -1.40
N LYS A 47 17.37 12.27 -1.29
CA LYS A 47 16.65 13.30 -0.53
C LYS A 47 15.12 13.17 -0.47
N ASP A 48 14.59 13.21 0.74
CA ASP A 48 13.15 13.15 0.90
C ASP A 48 12.51 11.83 0.50
N TYR A 49 13.31 10.86 0.01
CA TYR A 49 12.68 9.61 -0.37
C TYR A 49 12.23 8.78 0.83
N TYR A 50 11.08 8.14 0.66
CA TYR A 50 10.46 7.36 1.74
C TYR A 50 9.71 6.11 1.20
N ILE A 51 9.28 5.23 2.11
CA ILE A 51 8.54 4.03 1.73
C ILE A 51 7.22 3.97 2.50
N SER A 52 6.16 3.56 1.82
CA SER A 52 4.87 3.47 2.51
C SER A 52 4.33 2.02 2.42
N SER A 53 4.69 1.23 3.42
CA SER A 53 4.27 -0.16 3.51
C SER A 53 2.82 -0.16 3.97
N GLU A 54 1.93 -0.77 3.17
CA GLU A 54 0.53 -0.80 3.54
C GLU A 54 0.07 -2.15 4.08
N MET A 55 0.26 -2.32 5.38
CA MET A 55 -0.15 -3.54 6.08
C MET A 55 -1.55 -3.32 6.61
N SER A 56 -2.41 -4.34 6.50
CA SER A 56 -3.77 -4.19 7.01
C SER A 56 -3.56 -3.67 8.42
N TYR A 57 -4.49 -2.87 8.91
CA TYR A 57 -4.37 -2.25 10.22
C TYR A 57 -4.38 -3.10 11.49
N GLU A 58 -4.18 -2.40 12.60
CA GLU A 58 -4.15 -2.98 13.93
C GLU A 58 -2.87 -3.79 14.10
N ALA A 59 -2.13 -3.87 13.00
CA ALA A 59 -0.84 -4.56 12.97
C ALA A 59 0.16 -3.40 12.94
N SER A 60 -0.13 -2.43 12.07
CA SER A 60 0.68 -1.24 11.94
C SER A 60 0.12 -0.19 12.89
N PHE A 63 6.27 -0.60 14.43
CA PHE A 63 7.51 0.00 15.02
C PHE A 63 7.45 1.52 14.86
N LYS A 64 6.51 2.14 15.56
CA LYS A 64 6.33 3.60 15.49
C LYS A 64 7.64 4.39 15.44
N ARG A 65 7.52 5.65 15.03
CA ARG A 65 8.62 6.58 14.86
C ARG A 65 10.05 5.99 14.78
N ASP A 66 11.12 6.82 14.85
CA ASP A 66 12.50 6.34 14.73
C ASP A 66 12.78 5.05 15.43
N ASP A 67 12.59 3.96 14.70
CA ASP A 67 12.88 2.63 15.18
C ASP A 67 13.84 2.28 14.07
N HIS A 68 14.34 1.05 14.03
CA HIS A 68 15.19 0.64 12.94
C HIS A 68 14.52 -0.59 12.38
N VAL A 69 14.35 -0.58 11.06
CA VAL A 69 13.69 -1.67 10.39
C VAL A 69 14.45 -2.04 9.09
N ASP A 70 14.14 -3.22 8.55
CA ASP A 70 14.74 -3.70 7.30
C ASP A 70 13.60 -3.91 6.35
N VAL A 71 13.80 -3.53 5.08
CA VAL A 71 12.71 -3.60 4.12
C VAL A 71 12.94 -4.46 2.87
N PHE A 72 11.96 -5.33 2.57
CA PHE A 72 12.05 -6.18 1.39
C PHE A 72 10.65 -6.30 0.86
N GLY A 73 10.34 -5.58 -0.21
CA GLY A 73 8.98 -5.67 -0.73
C GLY A 73 8.88 -5.42 -2.20
N LEU A 74 7.90 -6.09 -2.80
CA LEU A 74 7.60 -5.94 -4.22
C LEU A 74 6.52 -4.83 -4.41
N PHE A 75 6.89 -3.75 -5.07
CA PHE A 75 6.01 -2.59 -5.31
C PHE A 75 4.79 -2.91 -6.18
N TYR A 76 3.82 -1.98 -6.18
CA TYR A 76 2.64 -2.17 -7.02
C TYR A 76 2.26 -0.97 -7.93
N ILE A 77 3.05 0.11 -7.89
CA ILE A 77 2.86 1.32 -8.72
C ILE A 77 4.07 2.25 -8.61
N LEU A 78 4.02 3.42 -9.26
CA LEU A 78 5.18 4.35 -9.25
C LEU A 78 4.90 5.90 -9.14
N ASN A 79 5.87 6.71 -9.56
CA ASN A 79 5.89 8.19 -9.66
C ASN A 79 5.67 9.28 -8.58
N SER A 80 5.16 8.99 -7.39
CA SER A 80 4.97 10.06 -6.39
C SER A 80 6.29 10.85 -6.18
N HIS A 81 7.25 10.59 -7.05
CA HIS A 81 8.57 11.23 -7.03
C HIS A 81 9.31 11.19 -5.69
N THR A 82 8.84 10.38 -4.76
CA THR A 82 9.55 10.38 -3.50
C THR A 82 9.26 9.12 -2.71
N GLY A 83 8.20 8.43 -3.09
CA GLY A 83 7.85 7.23 -2.38
C GLY A 83 7.60 6.08 -3.30
N GLU A 84 7.96 4.91 -2.79
CA GLU A 84 7.75 3.67 -3.51
C GLU A 84 6.83 2.93 -2.58
N TYR A 85 5.75 2.39 -3.11
CA TYR A 85 4.77 1.71 -2.30
C TYR A 85 4.86 0.18 -2.41
N ILE A 86 4.65 -0.47 -1.27
CA ILE A 86 4.68 -1.93 -1.23
C ILE A 86 3.66 -2.41 -0.22
N TYR A 87 3.57 -3.72 -0.04
CA TYR A 87 2.64 -4.32 0.92
C TYR A 87 3.38 -5.16 1.97
N GLY A 88 3.87 -4.51 3.02
CA GLY A 88 4.56 -5.25 4.07
C GLY A 88 6.03 -5.41 3.82
N GLY A 89 6.53 -6.62 4.02
CA GLY A 89 7.96 -6.87 3.81
C GLY A 89 8.85 -6.02 4.73
N ILE A 90 8.31 -5.67 5.89
CA ILE A 90 9.04 -4.84 6.84
C ILE A 90 9.31 -5.52 8.19
N THR A 91 10.58 -5.66 8.54
CA THR A 91 10.94 -6.35 9.79
C THR A 91 11.98 -5.61 10.62
N PRO A 92 12.03 -5.88 11.94
CA PRO A 92 12.99 -5.25 12.84
C PRO A 92 14.30 -5.40 12.10
N ALA A 93 15.29 -4.56 12.36
CA ALA A 93 16.53 -4.70 11.61
C ALA A 93 17.55 -5.74 12.11
N GLN A 94 18.25 -6.35 11.15
CA GLN A 94 19.27 -7.35 11.42
C GLN A 94 20.54 -6.65 11.88
N ASN A 95 20.83 -6.69 13.17
CA ASN A 95 22.02 -6.05 13.70
C ASN A 95 23.31 -6.76 13.30
N ASN A 96 23.33 -8.08 13.37
CA ASN A 96 24.57 -8.80 13.03
C ASN A 96 24.48 -9.58 11.74
N LYS A 97 25.51 -9.42 10.92
CA LYS A 97 25.58 -10.08 9.64
C LYS A 97 25.45 -11.57 9.85
N VAL A 98 24.49 -12.17 9.16
CA VAL A 98 24.27 -13.59 9.31
C VAL A 98 23.97 -14.28 7.97
N ASN A 99 24.15 -15.59 7.92
CA ASN A 99 23.93 -16.35 6.69
C ASN A 99 23.33 -17.74 6.95
N HIS A 100 22.03 -17.86 6.75
CA HIS A 100 21.34 -19.12 6.95
C HIS A 100 21.07 -19.76 5.61
N LYS A 101 21.56 -20.99 5.42
CA LYS A 101 21.30 -21.72 4.20
C LYS A 101 20.00 -22.48 4.46
N LEU A 102 19.09 -22.45 3.51
CA LEU A 102 17.81 -23.13 3.69
C LEU A 102 17.71 -24.55 3.16
N LEU A 103 16.89 -25.36 3.83
CA LEU A 103 16.69 -26.75 3.46
C LEU A 103 15.31 -26.81 2.86
N GLY A 104 15.09 -27.76 1.98
CA GLY A 104 13.78 -27.89 1.37
C GLY A 104 13.78 -29.04 0.38
N ASN A 105 12.60 -29.34 -0.15
CA ASN A 105 12.43 -30.40 -1.14
C ASN A 105 11.53 -29.90 -2.28
N LEU A 106 11.79 -30.36 -3.51
CA LEU A 106 10.96 -29.99 -4.68
C LEU A 106 10.26 -31.28 -5.16
N PHE A 107 8.97 -31.39 -4.93
CA PHE A 107 8.23 -32.57 -5.33
C PHE A 107 7.33 -32.28 -6.50
N ILE A 108 7.65 -32.85 -7.67
CA ILE A 108 6.82 -32.66 -8.87
C ILE A 108 6.02 -33.92 -9.18
N SER A 109 5.02 -33.82 -10.06
CA SER A 109 4.17 -34.96 -10.38
C SER A 109 4.32 -35.48 -11.81
N GLU A 111 9.46 -36.91 -12.43
CA GLU A 111 10.14 -37.57 -11.27
C GLU A 111 9.72 -36.89 -9.98
N SER A 112 10.00 -37.55 -8.87
CA SER A 112 9.65 -37.01 -7.56
C SER A 112 10.86 -37.02 -6.61
N GLN A 113 10.86 -36.06 -5.69
CA GLN A 113 11.89 -35.92 -4.68
C GLN A 113 13.23 -35.36 -5.07
N GLN A 114 13.28 -34.09 -5.49
CA GLN A 114 14.55 -33.46 -5.83
C GLN A 114 15.15 -32.76 -4.62
N ASN A 115 16.47 -32.77 -4.52
CA ASN A 115 17.23 -32.19 -3.39
C ASN A 115 16.95 -30.76 -2.90
N LEU A 116 17.61 -29.75 -3.50
CA LEU A 116 17.39 -28.35 -3.13
C LEU A 116 18.00 -27.79 -1.83
N ASN A 117 18.75 -28.60 -1.07
CA ASN A 117 19.35 -28.04 0.15
C ASN A 117 20.54 -27.18 -0.18
N ASN A 118 20.57 -25.99 0.41
CA ASN A 118 21.70 -25.07 0.25
C ASN A 118 21.76 -24.00 -0.80
N LYS A 119 20.71 -23.76 -1.60
CA LYS A 119 20.87 -22.68 -2.57
C LYS A 119 19.91 -21.51 -2.51
N ILE A 120 19.38 -21.28 -1.32
CA ILE A 120 18.54 -20.15 -1.07
C ILE A 120 19.01 -19.81 0.31
N ILE A 121 19.58 -18.62 0.45
CA ILE A 121 20.13 -18.22 1.72
C ILE A 121 19.52 -16.95 2.22
N LEU A 122 18.96 -16.97 3.42
CA LEU A 122 18.40 -15.74 3.97
C LEU A 122 19.53 -15.13 4.76
N GLU A 123 19.38 -13.87 5.15
CA GLU A 123 20.40 -13.14 5.90
C GLU A 123 19.69 -12.31 6.95
N LYS A 124 18.60 -12.85 7.48
CA LYS A 124 17.88 -12.17 8.52
C LYS A 124 17.31 -13.23 9.47
N ASP A 125 17.54 -13.07 10.77
CA ASP A 125 16.99 -14.05 11.74
C ASP A 125 15.47 -13.83 11.75
N ILE A 126 15.05 -12.59 11.59
CA ILE A 126 13.62 -12.35 11.48
C ILE A 126 13.47 -12.15 9.97
N VAL A 127 12.70 -13.02 9.35
CA VAL A 127 12.50 -12.95 7.92
C VAL A 127 10.99 -12.93 7.63
N THR A 128 10.61 -12.09 6.66
CA THR A 128 9.22 -11.90 6.30
C THR A 128 8.81 -13.00 5.31
N PHE A 129 7.54 -13.38 5.30
CA PHE A 129 7.12 -14.42 4.35
C PHE A 129 7.16 -13.86 2.92
N GLN A 130 6.82 -12.58 2.76
CA GLN A 130 6.87 -11.96 1.44
C GLN A 130 8.27 -12.21 0.81
N GLU A 131 9.33 -12.08 1.61
CA GLU A 131 10.68 -12.30 1.12
C GLU A 131 10.96 -13.77 0.84
N ILE A 132 10.38 -14.63 1.67
CA ILE A 132 10.56 -16.06 1.48
C ILE A 132 9.78 -16.49 0.23
N ASP A 133 8.51 -16.08 0.16
CA ASP A 133 7.67 -16.43 -0.97
C ASP A 133 8.21 -15.78 -2.27
N PHE A 134 9.06 -14.78 -2.14
CA PHE A 134 9.61 -14.19 -3.34
C PHE A 134 10.87 -14.96 -3.78
N LYS A 135 11.86 -15.03 -2.89
CA LYS A 135 13.11 -15.71 -3.20
C LYS A 135 12.88 -17.15 -3.66
N ILE A 136 11.87 -17.82 -3.10
CA ILE A 136 11.60 -19.18 -3.55
C ILE A 136 10.95 -19.20 -4.93
N ARG A 137 10.04 -18.27 -5.22
CA ARG A 137 9.43 -18.25 -6.54
C ARG A 137 10.50 -17.96 -7.58
N LYS A 138 11.37 -17.02 -7.24
CA LYS A 138 12.48 -16.66 -8.14
C LYS A 138 13.27 -17.89 -8.57
N TYR A 139 13.56 -18.75 -7.60
CA TYR A 139 14.28 -19.98 -7.86
C TYR A 139 13.08 -20.86 -8.19
N LEU A 140 12.97 -21.31 -9.43
CA LEU A 140 11.81 -22.10 -9.86
C LEU A 140 11.51 -21.38 -11.14
N MET A 141 11.47 -20.05 -11.03
CA MET A 141 11.25 -19.29 -12.25
C MET A 141 12.56 -19.48 -13.03
N ASP A 142 13.67 -18.97 -12.49
CA ASP A 142 14.94 -19.07 -13.17
C ASP A 142 15.31 -20.51 -13.59
N ASN A 143 15.18 -21.44 -12.65
CA ASN A 143 15.60 -22.82 -12.92
C ASN A 143 14.58 -23.79 -13.46
N TYR A 144 13.30 -23.60 -13.18
CA TYR A 144 12.31 -24.53 -13.72
C TYR A 144 11.27 -23.87 -14.64
N LYS A 145 11.36 -22.54 -14.76
CA LYS A 145 10.42 -21.77 -15.57
C LYS A 145 9.01 -22.29 -15.36
N ILE A 146 8.30 -21.74 -14.37
CA ILE A 146 6.97 -22.18 -14.06
C ILE A 146 5.91 -21.21 -14.54
N TYR A 147 6.32 -20.09 -15.10
CA TYR A 147 5.32 -19.12 -15.56
C TYR A 147 5.41 -18.94 -17.08
N ASP A 148 6.30 -19.75 -17.68
CA ASP A 148 6.53 -19.75 -19.10
C ASP A 148 5.38 -20.43 -19.80
N ALA A 149 4.83 -19.82 -20.86
CA ALA A 149 3.72 -20.42 -21.60
C ALA A 149 4.02 -21.89 -21.83
N THR A 150 5.01 -22.19 -22.65
CA THR A 150 5.35 -23.59 -22.93
C THR A 150 5.73 -24.25 -21.60
N SER A 151 4.76 -24.89 -20.95
CA SER A 151 5.06 -25.53 -19.68
C SER A 151 3.97 -26.47 -19.19
N PRO A 152 4.37 -27.48 -18.38
CA PRO A 152 3.43 -28.46 -17.83
C PRO A 152 2.88 -28.01 -16.49
N TYR A 153 3.70 -27.32 -15.71
CA TYR A 153 3.28 -26.86 -14.39
C TYR A 153 1.90 -26.17 -14.46
N VAL A 154 0.91 -26.83 -13.89
CA VAL A 154 -0.42 -26.29 -13.93
C VAL A 154 -0.89 -25.83 -12.56
N SER A 155 -0.20 -26.32 -11.51
CA SER A 155 -0.57 -25.93 -10.15
C SER A 155 0.52 -26.29 -9.18
N GLY A 156 0.53 -25.65 -8.02
CA GLY A 156 1.54 -25.96 -7.03
C GLY A 156 1.56 -24.95 -5.89
N ARG A 157 2.44 -25.18 -4.91
CA ARG A 157 2.51 -24.27 -3.78
C ARG A 157 3.74 -24.49 -2.96
N ILE A 158 4.11 -23.47 -2.19
CA ILE A 158 5.31 -23.51 -1.35
C ILE A 158 4.86 -23.82 0.08
N GLU A 159 5.31 -24.94 0.62
CA GLU A 159 4.94 -25.28 2.01
C GLU A 159 6.11 -24.97 2.94
N ILE A 160 5.89 -24.15 3.96
CA ILE A 160 6.99 -23.85 4.88
C ILE A 160 6.75 -24.63 6.17
N GLY A 161 7.70 -25.49 6.54
CA GLY A 161 7.55 -26.28 7.74
C GLY A 161 8.17 -25.58 8.94
N THR A 162 7.60 -25.73 10.13
CA THR A 162 8.15 -25.09 11.29
C THR A 162 8.69 -26.07 12.35
N LYS A 163 9.20 -25.50 13.45
CA LYS A 163 9.71 -26.32 14.54
C LYS A 163 8.56 -26.64 15.50
N ASP A 164 7.42 -26.01 15.31
CA ASP A 164 6.27 -26.31 16.14
C ASP A 164 5.28 -27.05 15.24
N GLY A 165 5.82 -27.94 14.41
CA GLY A 165 5.03 -28.77 13.52
C GLY A 165 3.96 -28.29 12.54
N LYS A 166 3.65 -27.00 12.45
CA LYS A 166 2.60 -26.63 11.49
C LYS A 166 3.03 -25.90 10.21
N HIS A 167 2.95 -26.63 9.11
CA HIS A 167 3.28 -26.13 7.77
C HIS A 167 2.53 -24.82 7.47
N GLU A 168 3.09 -24.01 6.60
CA GLU A 168 2.49 -22.73 6.19
C GLU A 168 2.37 -22.75 4.68
N GLN A 169 1.13 -22.69 4.19
CA GLN A 169 0.94 -22.74 2.74
C GLN A 169 0.89 -21.42 2.01
N ILE A 170 1.32 -21.47 0.75
CA ILE A 170 1.34 -20.33 -0.16
C ILE A 170 1.09 -20.91 -1.53
N ASP A 171 0.00 -20.49 -2.16
CA ASP A 171 -0.39 -20.97 -3.51
C ASP A 171 0.56 -20.37 -4.54
N LEU A 172 1.20 -21.25 -5.34
CA LEU A 172 2.14 -20.82 -6.38
C LEU A 172 1.55 -20.42 -7.72
N PHE A 173 0.33 -20.86 -7.97
CA PHE A 173 -0.33 -20.53 -9.23
C PHE A 173 -1.67 -19.88 -8.90
N ASP A 174 -1.63 -18.63 -8.45
CA ASP A 174 -2.86 -17.94 -8.10
C ASP A 174 -2.81 -16.44 -8.42
N SER A 175 -3.99 -15.88 -8.63
CA SER A 175 -4.16 -14.48 -8.94
C SER A 175 -5.62 -14.10 -8.82
N PRO A 176 -5.93 -13.02 -8.10
CA PRO A 176 -7.30 -12.55 -7.93
C PRO A 176 -7.93 -11.85 -9.13
N ASN A 177 -9.03 -11.17 -8.84
CA ASN A 177 -9.84 -10.45 -9.80
C ASN A 177 -9.20 -10.00 -11.12
N GLU A 178 -8.20 -9.13 -11.11
CA GLU A 178 -7.62 -8.73 -12.40
C GLU A 178 -6.32 -9.43 -12.80
N GLY A 179 -5.30 -9.32 -11.96
CA GLY A 179 -4.04 -9.94 -12.29
C GLY A 179 -2.97 -8.86 -12.23
N THR A 180 -3.34 -7.73 -11.66
CA THR A 180 -2.42 -6.62 -11.50
C THR A 180 -1.54 -6.96 -10.32
N ARG A 181 -0.39 -6.30 -10.23
CA ARG A 181 0.53 -6.55 -9.12
C ARG A 181 -0.12 -6.34 -7.78
N SER A 182 -1.06 -5.40 -7.69
CA SER A 182 -1.73 -5.16 -6.42
C SER A 182 -2.60 -6.37 -6.09
N ASP A 183 -3.22 -6.93 -7.11
CA ASP A 183 -4.08 -8.08 -6.95
C ASP A 183 -3.37 -9.27 -6.34
N ILE A 184 -2.04 -9.29 -6.43
CA ILE A 184 -1.31 -10.41 -5.88
C ILE A 184 -0.53 -10.08 -4.61
N PHE A 185 0.36 -9.09 -4.64
CA PHE A 185 1.10 -8.75 -3.43
C PHE A 185 0.14 -8.27 -2.36
N ALA A 186 -1.16 -8.43 -2.61
CA ALA A 186 -2.18 -8.02 -1.68
C ALA A 186 -2.00 -8.87 -0.43
N LYS A 187 -1.79 -10.15 -0.68
CA LYS A 187 -1.59 -11.14 0.38
C LYS A 187 -0.44 -10.81 1.34
N TYR A 188 0.50 -9.94 0.95
CA TYR A 188 1.60 -9.63 1.84
C TYR A 188 1.21 -8.58 2.87
N LYS A 189 0.01 -8.02 2.68
CA LYS A 189 -0.50 -6.97 3.55
C LYS A 189 -0.29 -7.31 5.04
N ASP A 190 -0.47 -8.59 5.36
CA ASP A 190 -0.31 -9.06 6.74
C ASP A 190 1.08 -8.84 7.33
N ASN A 191 2.06 -8.46 6.52
CA ASN A 191 3.44 -8.32 7.00
C ASN A 191 3.60 -9.41 8.02
N ARG A 192 3.37 -10.65 7.58
CA ARG A 192 3.48 -11.82 8.43
C ARG A 192 4.95 -12.26 8.35
N ILE A 193 5.52 -12.59 9.50
CA ILE A 193 6.92 -12.96 9.57
C ILE A 193 7.20 -14.22 10.39
N ILE A 194 8.44 -14.69 10.31
CA ILE A 194 8.86 -15.88 11.02
C ILE A 194 10.27 -15.74 11.54
N ASN A 195 10.50 -16.22 12.76
CA ASN A 195 11.83 -16.16 13.38
C ASN A 195 12.52 -17.38 12.79
N MET A 196 13.74 -17.19 12.30
CA MET A 196 14.47 -18.28 11.67
C MET A 196 14.73 -19.53 12.51
N LYS A 197 14.72 -19.40 13.83
CA LYS A 197 14.95 -20.60 14.64
C LYS A 197 13.60 -21.28 14.85
N ASN A 198 12.73 -21.18 13.87
CA ASN A 198 11.42 -21.81 13.95
C ASN A 198 11.04 -22.24 12.54
N PHE A 199 11.95 -21.95 11.60
CA PHE A 199 11.81 -22.31 10.19
C PHE A 199 12.59 -23.61 10.10
N SER A 200 11.95 -24.66 9.59
CA SER A 200 12.63 -25.94 9.44
C SER A 200 13.17 -26.12 8.04
N HIS A 201 12.25 -26.32 7.11
CA HIS A 201 12.64 -26.52 5.73
C HIS A 201 11.42 -26.07 4.90
N PHE A 202 11.55 -26.17 3.56
CA PHE A 202 10.43 -25.86 2.69
C PHE A 202 10.20 -27.01 1.69
N ASP A 203 8.95 -27.47 1.56
CA ASP A 203 8.60 -28.54 0.63
C ASP A 203 7.83 -27.92 -0.54
N ILE A 204 8.41 -27.94 -1.74
CA ILE A 204 7.73 -27.41 -2.92
C ILE A 204 6.98 -28.50 -3.70
N TYR A 205 5.74 -28.21 -4.04
CA TYR A 205 4.91 -29.15 -4.77
C TYR A 205 4.52 -28.63 -6.15
N LEU A 206 4.93 -29.35 -7.18
CA LEU A 206 4.62 -28.94 -8.55
C LEU A 206 3.79 -30.00 -9.24
N GLU A 207 2.50 -29.71 -9.42
CA GLU A 207 1.60 -30.66 -10.05
C GLU A 207 1.41 -30.40 -11.56
N LYS A 208 2.00 -31.25 -12.39
CA LYS A 208 1.89 -31.14 -13.85
C LYS A 208 0.48 -31.44 -14.35
N LYS B 3 -8.36 21.31 33.44
CA LYS B 3 -8.02 22.73 33.76
C LYS B 3 -9.26 23.62 33.82
N LYS B 4 -9.79 23.63 35.05
CA LYS B 4 -10.98 24.30 35.58
C LYS B 4 -11.95 25.37 35.03
N ASP B 5 -13.11 25.34 35.69
CA ASP B 5 -14.29 26.20 35.57
C ASP B 5 -15.19 26.26 34.34
N ILE B 6 -16.45 25.84 34.54
CA ILE B 6 -17.49 25.83 33.51
C ILE B 6 -17.63 27.16 32.82
N SER B 7 -17.81 28.20 33.63
CA SER B 7 -17.96 29.56 33.12
C SER B 7 -16.85 29.91 32.15
N ASN B 8 -15.76 30.45 32.68
CA ASN B 8 -14.62 30.89 31.89
C ASN B 8 -14.41 30.14 30.56
N VAL B 9 -14.69 28.85 30.53
CA VAL B 9 -14.51 28.04 29.33
C VAL B 9 -15.52 28.37 28.23
N LYS B 10 -16.80 28.20 28.51
CA LYS B 10 -17.86 28.48 27.52
C LYS B 10 -17.57 29.80 26.81
N SER B 11 -17.23 30.80 27.60
CA SER B 11 -16.92 32.12 27.08
C SER B 11 -15.42 32.27 26.82
N ASP B 12 -14.69 31.16 26.91
CA ASP B 12 -13.24 31.13 26.65
C ASP B 12 -13.10 30.66 25.22
N LEU B 13 -14.09 29.90 24.76
CA LEU B 13 -14.10 29.37 23.40
C LEU B 13 -14.83 30.33 22.47
N LEU B 14 -16.10 30.57 22.80
CA LEU B 14 -16.98 31.46 22.03
C LEU B 14 -16.21 32.67 21.50
N TYR B 15 -15.19 33.08 22.24
CA TYR B 15 -14.38 34.22 21.85
C TYR B 15 -13.65 33.95 20.52
N ALA B 16 -12.99 32.79 20.46
CA ALA B 16 -12.22 32.40 19.28
C ALA B 16 -12.96 31.56 18.25
N TYR B 17 -13.89 30.73 18.69
CA TYR B 17 -14.61 29.93 17.73
C TYR B 17 -15.55 30.83 16.96
N THR B 18 -15.50 32.10 17.32
CA THR B 18 -16.25 33.11 16.61
C THR B 18 -15.10 33.78 15.86
N ILE B 19 -14.76 33.20 14.72
CA ILE B 19 -13.67 33.68 13.89
C ILE B 19 -13.86 33.33 12.41
N THR B 20 -12.99 33.82 11.55
CA THR B 20 -13.11 33.50 10.14
C THR B 20 -11.83 32.79 9.76
N PRO B 21 -11.93 31.51 9.38
CA PRO B 21 -10.73 30.77 9.01
C PRO B 21 -10.06 31.23 7.73
N TYR B 22 -8.76 30.95 7.61
CA TYR B 22 -8.02 31.27 6.41
C TYR B 22 -8.45 30.13 5.49
N ASP B 23 -8.76 30.44 4.24
CA ASP B 23 -9.20 29.41 3.34
C ASP B 23 -8.51 29.62 2.00
N TYR B 24 -7.18 29.62 2.05
CA TYR B 24 -6.35 29.80 0.87
C TYR B 24 -6.18 28.43 0.21
N LYS B 25 -6.75 28.27 -0.98
CA LYS B 25 -6.70 27.03 -1.71
C LYS B 25 -5.51 26.98 -2.69
N ASP B 26 -4.92 25.79 -2.79
CA ASP B 26 -3.78 25.51 -3.66
C ASP B 26 -2.62 26.50 -3.61
N CYS B 27 -2.03 26.66 -2.43
CA CYS B 27 -0.90 27.57 -2.24
C CYS B 27 0.40 26.77 -2.43
N ARG B 28 1.54 27.44 -2.44
CA ARG B 28 2.82 26.76 -2.64
C ARG B 28 3.72 26.91 -1.42
N VAL B 29 4.33 25.81 -0.98
CA VAL B 29 5.17 25.86 0.21
C VAL B 29 6.53 26.48 -0.02
N ASN B 30 6.76 27.65 0.61
CA ASN B 30 8.04 28.33 0.48
C ASN B 30 9.14 27.39 0.93
N PHE B 31 9.25 27.25 2.25
CA PHE B 31 10.25 26.38 2.84
C PHE B 31 9.70 25.74 4.11
N SER B 32 10.17 24.54 4.43
CA SER B 32 9.73 23.84 5.62
C SER B 32 10.95 23.59 6.48
N THR B 33 10.74 23.53 7.78
CA THR B 33 11.84 23.29 8.71
C THR B 33 11.38 22.38 9.83
N THR B 34 11.90 22.62 11.03
CA THR B 34 11.49 21.81 12.17
C THR B 34 10.24 22.46 12.79
N HIS B 35 9.35 21.62 13.28
CA HIS B 35 8.10 22.09 13.92
C HIS B 35 7.16 23.03 13.14
N THR B 36 7.50 23.39 11.91
CA THR B 36 6.63 24.27 11.13
C THR B 36 6.69 24.09 9.61
N LEU B 37 5.74 24.73 8.92
CA LEU B 37 5.65 24.69 7.46
C LEU B 37 5.42 26.11 6.91
N ASN B 38 6.12 26.48 5.85
CA ASN B 38 5.97 27.81 5.26
C ASN B 38 5.31 27.75 3.88
N ILE B 39 4.05 28.13 3.84
CA ILE B 39 3.25 28.11 2.63
C ILE B 39 3.12 29.52 2.05
N ASP B 40 2.86 29.63 0.74
CA ASP B 40 2.73 30.94 0.11
C ASP B 40 1.28 31.37 -0.13
N THR B 41 0.96 32.60 0.25
CA THR B 41 -0.38 33.12 0.08
C THR B 41 -0.35 34.47 -0.66
N GLN B 42 0.74 34.71 -1.38
CA GLN B 42 0.93 35.97 -2.10
C GLN B 42 -0.05 36.25 -3.24
N LYS B 43 -1.03 35.37 -3.45
CA LYS B 43 -2.02 35.59 -4.49
C LYS B 43 -3.39 35.78 -3.84
N TYR B 44 -3.46 35.46 -2.56
CA TYR B 44 -4.68 35.62 -1.79
C TYR B 44 -4.53 36.84 -0.92
N ARG B 45 -3.32 37.10 -0.46
CA ARG B 45 -3.08 38.25 0.40
C ARG B 45 -2.08 39.30 -0.08
N GLY B 46 -1.46 39.08 -1.24
CA GLY B 46 -0.52 40.06 -1.74
C GLY B 46 0.97 39.70 -1.64
N LYS B 47 1.83 40.65 -2.00
CA LYS B 47 3.27 40.43 -1.98
C LYS B 47 3.87 40.21 -0.61
N ASP B 48 4.77 39.22 -0.51
CA ASP B 48 5.45 38.90 0.72
C ASP B 48 4.58 38.22 1.79
N TYR B 49 3.31 38.00 1.48
CA TYR B 49 2.40 37.35 2.43
C TYR B 49 2.56 35.85 2.50
N TYR B 50 2.63 35.34 3.73
CA TYR B 50 2.79 33.90 3.94
C TYR B 50 2.02 33.38 5.17
N ILE B 51 1.95 32.05 5.28
CA ILE B 51 1.31 31.37 6.40
C ILE B 51 2.40 30.55 7.08
N SER B 52 2.29 30.33 8.39
CA SER B 52 3.28 29.53 9.09
C SER B 52 2.53 28.49 9.92
N SER B 53 2.74 27.22 9.63
CA SER B 53 2.05 26.20 10.39
C SER B 53 2.93 25.56 11.44
N GLU B 54 2.58 25.79 12.70
CA GLU B 54 3.32 25.24 13.83
C GLU B 54 2.74 23.83 14.04
N MET B 55 3.38 22.85 13.42
CA MET B 55 2.95 21.45 13.50
C MET B 55 3.95 20.60 14.29
N SER B 56 3.57 19.36 14.53
CA SER B 56 4.41 18.41 15.25
C SER B 56 5.57 18.03 14.33
N TYR B 57 6.73 17.75 14.91
CA TYR B 57 7.88 17.36 14.11
C TYR B 57 7.44 16.31 13.10
N GLU B 58 6.61 15.38 13.54
CA GLU B 58 6.08 14.34 12.65
C GLU B 58 5.26 15.02 11.58
N ALA B 59 4.48 16.02 11.98
CA ALA B 59 3.61 16.78 11.09
C ALA B 59 4.36 17.39 9.91
N SER B 60 5.62 17.72 10.11
CA SER B 60 6.44 18.26 9.03
C SER B 60 7.01 17.04 8.33
N GLN B 61 8.18 17.18 7.71
CA GLN B 61 8.83 16.08 6.99
C GLN B 61 7.77 15.28 6.25
N LYS B 62 6.66 15.95 5.99
CA LYS B 62 5.49 15.40 5.33
C LYS B 62 5.19 16.35 4.17
N PHE B 63 5.92 17.46 4.15
CA PHE B 63 5.79 18.52 3.13
C PHE B 63 7.17 19.21 2.94
N LYS B 64 7.41 19.78 1.76
CA LYS B 64 8.67 20.47 1.47
C LYS B 64 8.55 21.64 0.46
N ARG B 65 9.57 21.86 -0.37
CA ARG B 65 9.51 22.94 -1.35
C ARG B 65 8.25 22.74 -2.17
N ASP B 66 7.91 23.69 -3.04
CA ASP B 66 6.68 23.61 -3.83
C ASP B 66 5.90 22.31 -3.72
N ASP B 67 4.87 22.34 -2.90
CA ASP B 67 3.99 21.20 -2.73
C ASP B 67 2.63 21.84 -2.63
N HIS B 68 1.93 21.92 -3.75
CA HIS B 68 0.62 22.52 -3.72
C HIS B 68 -0.16 21.96 -2.54
N VAL B 69 -0.50 22.85 -1.61
CA VAL B 69 -1.24 22.48 -0.41
C VAL B 69 -2.43 23.40 -0.23
N ASP B 70 -3.35 23.02 0.67
CA ASP B 70 -4.53 23.83 0.96
C ASP B 70 -4.66 24.27 2.44
N VAL B 71 -4.46 25.56 2.71
CA VAL B 71 -4.57 26.07 4.06
C VAL B 71 -6.02 26.25 4.45
N PHE B 72 -6.27 26.04 5.74
CA PHE B 72 -7.60 26.18 6.35
C PHE B 72 -7.43 25.98 7.84
N GLY B 73 -7.26 27.08 8.56
CA GLY B 73 -7.10 26.95 9.99
C GLY B 73 -7.38 28.24 10.72
N LEU B 74 -7.84 28.09 11.96
CA LEU B 74 -8.11 29.23 12.82
C LEU B 74 -6.77 29.66 13.43
N PHE B 75 -6.55 30.98 13.56
CA PHE B 75 -5.29 31.53 14.10
C PHE B 75 -5.25 31.73 15.62
N TYR B 76 -4.07 32.02 16.16
CA TYR B 76 -3.93 32.25 17.61
C TYR B 76 -3.46 33.65 18.03
N ILE B 77 -3.04 34.45 17.06
CA ILE B 77 -2.62 35.84 17.27
C ILE B 77 -2.83 36.53 15.95
N LEU B 78 -2.18 37.67 15.74
CA LEU B 78 -2.35 38.38 14.48
C LEU B 78 -1.06 38.79 13.78
N ASN B 79 -0.95 40.04 13.37
CA ASN B 79 0.21 40.48 12.57
C ASN B 79 1.66 40.29 12.98
N SER B 80 2.50 40.51 11.98
CA SER B 80 3.97 40.43 12.07
C SER B 80 4.35 41.37 10.94
N HIS B 81 3.51 41.26 9.90
CA HIS B 81 3.55 42.00 8.64
C HIS B 81 3.31 41.25 7.37
N THR B 82 4.12 40.22 7.10
CA THR B 82 3.92 39.44 5.90
C THR B 82 3.52 37.99 6.17
N GLY B 83 3.24 37.64 7.42
CA GLY B 83 2.86 36.27 7.73
C GLY B 83 1.53 36.12 8.47
N GLU B 84 1.00 34.90 8.46
CA GLU B 84 -0.27 34.60 9.10
C GLU B 84 -0.07 33.34 9.94
N TYR B 85 -0.44 33.41 11.22
CA TYR B 85 -0.23 32.31 12.18
C TYR B 85 -1.34 31.30 12.47
N ILE B 86 -0.96 30.02 12.51
CA ILE B 86 -1.89 28.91 12.83
C ILE B 86 -1.15 27.62 13.17
N TYR B 87 -1.93 26.58 13.43
CA TYR B 87 -1.44 25.24 13.76
C TYR B 87 -2.04 24.23 12.76
N GLY B 88 -1.20 23.60 11.96
CA GLY B 88 -1.68 22.61 11.01
C GLY B 88 -2.73 23.03 10.01
N GLY B 89 -3.75 22.19 9.83
CA GLY B 89 -4.80 22.52 8.88
C GLY B 89 -4.29 22.57 7.45
N ILE B 90 -3.05 22.13 7.22
CA ILE B 90 -2.47 22.14 5.88
C ILE B 90 -2.43 20.75 5.26
N THR B 91 -3.35 20.48 4.34
CA THR B 91 -3.39 19.17 3.69
C THR B 91 -3.13 19.35 2.20
N PRO B 92 -2.93 18.23 1.48
CA PRO B 92 -2.68 18.35 0.03
C PRO B 92 -3.80 19.13 -0.65
N ALA B 93 -3.43 19.85 -1.69
CA ALA B 93 -4.37 20.68 -2.43
C ALA B 93 -5.32 19.82 -3.24
N GLN B 94 -6.61 20.16 -3.19
CA GLN B 94 -7.66 19.46 -3.94
C GLN B 94 -7.50 19.75 -5.44
N ASN B 95 -7.40 18.69 -6.25
CA ASN B 95 -7.19 18.86 -7.69
C ASN B 95 -8.46 19.04 -8.50
N ASN B 96 -9.50 18.30 -8.15
CA ASN B 96 -10.76 18.48 -8.88
C ASN B 96 -11.74 19.11 -7.92
N LYS B 97 -12.96 19.38 -8.38
CA LYS B 97 -13.92 19.96 -7.47
C LYS B 97 -14.86 18.88 -7.05
N VAL B 98 -15.29 18.95 -5.81
CA VAL B 98 -16.19 17.95 -5.26
C VAL B 98 -16.97 18.55 -4.12
N ASN B 99 -18.17 18.04 -3.91
CA ASN B 99 -18.99 18.48 -2.80
C ASN B 99 -19.24 17.19 -2.02
N HIS B 100 -19.03 17.23 -0.70
CA HIS B 100 -19.23 16.05 0.13
C HIS B 100 -20.26 16.37 1.22
N LYS B 101 -21.51 16.04 0.95
CA LYS B 101 -22.52 16.30 1.95
C LYS B 101 -22.26 15.31 3.11
N LEU B 102 -22.22 15.83 4.33
CA LEU B 102 -21.98 15.00 5.48
C LEU B 102 -23.28 14.52 6.11
N LEU B 103 -23.34 13.21 6.36
CA LEU B 103 -24.50 12.60 7.01
C LEU B 103 -24.18 12.65 8.49
N GLY B 104 -25.19 12.88 9.33
CA GLY B 104 -24.93 12.96 10.76
C GLY B 104 -26.12 12.79 11.65
N ASN B 105 -25.86 12.77 12.96
CA ASN B 105 -26.90 12.63 13.97
C ASN B 105 -26.68 13.53 15.17
N LEU B 106 -27.75 13.77 15.92
CA LEU B 106 -27.68 14.63 17.09
C LEU B 106 -28.51 14.04 18.23
N PHE B 107 -27.95 14.10 19.44
CA PHE B 107 -28.62 13.59 20.62
C PHE B 107 -28.41 14.61 21.76
N ILE B 108 -29.43 14.80 22.58
CA ILE B 108 -29.32 15.74 23.70
C ILE B 108 -29.98 15.16 24.96
N GLN B 114 -32.54 15.94 16.73
CA GLN B 114 -33.11 16.26 15.39
C GLN B 114 -32.43 15.45 14.30
N ASN B 115 -32.32 16.03 13.11
CA ASN B 115 -31.64 15.37 11.98
C ASN B 115 -30.63 16.37 11.42
N LEU B 116 -29.48 15.88 10.96
CA LEU B 116 -28.45 16.78 10.44
C LEU B 116 -27.87 16.41 9.08
N ASN B 117 -28.54 15.51 8.36
CA ASN B 117 -28.03 15.15 7.05
C ASN B 117 -28.01 16.39 6.17
N ASN B 118 -27.08 16.40 5.21
CA ASN B 118 -26.95 17.50 4.25
C ASN B 118 -27.10 18.92 4.80
N LYS B 119 -26.47 19.21 5.93
CA LYS B 119 -26.51 20.54 6.54
C LYS B 119 -25.08 20.98 6.89
N ILE B 120 -24.13 20.43 6.14
CA ILE B 120 -22.71 20.71 6.30
C ILE B 120 -22.09 20.15 5.04
N ILE B 121 -21.21 20.90 4.40
CA ILE B 121 -20.67 20.41 3.14
C ILE B 121 -19.20 20.63 2.90
N LEU B 122 -18.42 19.57 3.08
CA LEU B 122 -16.99 19.68 2.88
C LEU B 122 -16.66 19.77 1.40
N GLU B 123 -15.47 20.27 1.10
CA GLU B 123 -15.05 20.43 -0.28
C GLU B 123 -13.68 19.85 -0.59
N LYS B 124 -13.27 18.83 0.18
CA LYS B 124 -11.98 18.20 -0.07
C LYS B 124 -12.11 16.69 0.05
N ASP B 125 -11.33 15.94 -0.75
CA ASP B 125 -11.35 14.48 -0.66
C ASP B 125 -10.54 14.12 0.60
N ILE B 126 -9.42 14.81 0.80
CA ILE B 126 -8.56 14.63 1.98
C ILE B 126 -8.90 15.90 2.78
N VAL B 127 -9.40 15.74 4.00
CA VAL B 127 -9.82 16.89 4.82
C VAL B 127 -9.32 16.96 6.25
N THR B 128 -8.58 18.03 6.57
CA THR B 128 -8.04 18.29 7.90
C THR B 128 -9.16 18.18 8.92
N PHE B 129 -8.81 17.84 10.16
CA PHE B 129 -9.79 17.69 11.26
C PHE B 129 -10.17 19.06 11.82
N GLN B 130 -9.25 20.01 11.67
CA GLN B 130 -9.44 21.36 12.15
C GLN B 130 -10.73 21.83 11.53
N GLU B 131 -10.74 21.82 10.19
CA GLU B 131 -11.90 22.23 9.41
C GLU B 131 -13.13 21.54 9.89
N ILE B 132 -13.18 20.21 9.75
CA ILE B 132 -14.35 19.46 10.18
C ILE B 132 -14.78 19.95 11.53
N ASP B 133 -13.79 19.98 12.43
CA ASP B 133 -14.02 20.42 13.79
C ASP B 133 -14.80 21.70 13.69
N PHE B 134 -14.10 22.72 13.22
CA PHE B 134 -14.66 24.06 13.01
C PHE B 134 -16.12 24.11 12.44
N LYS B 135 -16.28 23.72 11.18
CA LYS B 135 -17.56 23.73 10.56
C LYS B 135 -18.72 23.18 11.37
N ILE B 136 -18.46 22.30 12.35
CA ILE B 136 -19.59 21.79 13.13
C ILE B 136 -19.86 22.76 14.27
N ARG B 137 -18.79 23.09 14.99
CA ARG B 137 -18.91 24.02 16.10
C ARG B 137 -19.80 25.19 15.70
N LYS B 138 -19.40 25.91 14.65
CA LYS B 138 -20.18 27.07 14.22
C LYS B 138 -21.61 26.62 14.01
N TYR B 139 -21.82 25.62 13.17
CA TYR B 139 -23.17 25.15 12.93
C TYR B 139 -23.90 25.03 14.26
N LEU B 140 -23.24 24.40 15.23
CA LEU B 140 -23.84 24.19 16.55
C LEU B 140 -24.06 25.47 17.28
N MET B 141 -23.12 26.40 17.13
CA MET B 141 -23.23 27.70 17.76
C MET B 141 -24.44 28.36 17.05
N ASP B 142 -24.22 28.79 15.80
CA ASP B 142 -25.25 29.42 15.01
C ASP B 142 -26.62 28.91 15.31
N ASN B 143 -26.76 27.61 15.19
CA ASN B 143 -28.08 26.99 15.35
C ASN B 143 -28.57 26.61 16.75
N TYR B 144 -27.68 26.21 17.65
CA TYR B 144 -28.13 25.83 18.99
C TYR B 144 -27.54 26.68 20.10
N LYS B 145 -26.77 27.70 19.73
CA LYS B 145 -26.18 28.60 20.72
C LYS B 145 -25.71 27.78 21.92
N ILE B 146 -24.47 27.33 21.90
CA ILE B 146 -23.97 26.52 22.99
C ILE B 146 -22.94 27.21 23.85
N TYR B 147 -21.96 27.86 23.25
CA TYR B 147 -20.96 28.54 24.06
C TYR B 147 -21.45 29.88 24.59
N ASP B 148 -22.77 30.04 24.64
CA ASP B 148 -23.42 31.28 25.10
C ASP B 148 -23.78 31.26 26.58
N ALA B 149 -23.59 32.39 27.26
CA ALA B 149 -23.91 32.48 28.68
C ALA B 149 -25.22 31.75 28.89
N THR B 150 -26.18 32.07 28.02
CA THR B 150 -27.48 31.43 28.06
C THR B 150 -27.23 30.09 27.36
N SER B 151 -27.63 29.00 28.01
CA SER B 151 -27.42 27.66 27.44
C SER B 151 -27.58 26.57 28.49
N PRO B 152 -28.29 25.49 28.12
CA PRO B 152 -28.51 24.37 29.03
C PRO B 152 -27.53 23.25 28.73
N TYR B 153 -26.33 23.61 28.28
CA TYR B 153 -25.33 22.60 27.93
C TYR B 153 -24.04 22.66 28.76
N VAL B 154 -23.85 21.66 29.63
CA VAL B 154 -22.67 21.58 30.47
C VAL B 154 -21.49 21.02 29.69
N SER B 155 -21.66 19.80 29.16
CA SER B 155 -20.62 19.14 28.38
C SER B 155 -21.13 18.70 27.01
N GLY B 156 -20.25 18.08 26.23
CA GLY B 156 -20.62 17.63 24.91
C GLY B 156 -19.38 17.44 24.08
N ARG B 157 -19.43 16.51 23.15
CA ARG B 157 -18.29 16.22 22.29
C ARG B 157 -18.79 15.74 20.94
N ILE B 158 -17.89 15.68 19.97
CA ILE B 158 -18.25 15.21 18.63
C ILE B 158 -17.57 13.88 18.40
N GLU B 159 -18.28 12.98 17.73
CA GLU B 159 -17.74 11.66 17.44
C GLU B 159 -17.66 11.42 15.94
N ILE B 160 -16.49 11.63 15.35
CA ILE B 160 -16.31 11.39 13.93
C ILE B 160 -16.18 9.87 13.83
N GLY B 161 -16.86 9.25 12.88
CA GLY B 161 -16.75 7.81 12.73
C GLY B 161 -16.24 7.37 11.37
N THR B 162 -15.33 6.40 11.33
CA THR B 162 -14.79 5.97 10.04
C THR B 162 -15.38 4.67 9.49
N LYS B 163 -14.94 4.31 8.30
CA LYS B 163 -15.39 3.08 7.65
C LYS B 163 -14.66 1.91 8.27
N ASP B 164 -13.77 2.23 9.21
CA ASP B 164 -12.97 1.26 9.91
C ASP B 164 -13.36 1.24 11.37
N GLY B 165 -14.67 1.07 11.61
CA GLY B 165 -15.19 1.05 12.96
C GLY B 165 -14.32 1.76 13.98
N LYS B 166 -14.35 3.08 13.98
CA LYS B 166 -13.52 3.81 14.94
C LYS B 166 -13.93 5.26 15.16
N HIS B 167 -14.77 5.46 16.18
CA HIS B 167 -15.23 6.79 16.52
C HIS B 167 -14.11 7.59 17.17
N GLU B 168 -13.62 8.60 16.45
CA GLU B 168 -12.59 9.48 16.99
C GLU B 168 -13.38 10.47 17.85
N GLN B 169 -12.76 10.98 18.91
CA GLN B 169 -13.46 11.92 19.77
C GLN B 169 -12.99 13.35 19.53
N ILE B 170 -13.84 14.30 19.90
CA ILE B 170 -13.55 15.71 19.77
C ILE B 170 -14.34 16.33 20.92
N ASP B 171 -13.63 17.05 21.79
CA ASP B 171 -14.25 17.67 22.95
C ASP B 171 -14.87 19.02 22.63
N LEU B 172 -16.20 19.10 22.66
CA LEU B 172 -16.88 20.35 22.39
C LEU B 172 -16.68 21.37 23.50
N PHE B 173 -16.79 20.93 24.76
CA PHE B 173 -16.62 21.85 25.88
C PHE B 173 -15.28 21.81 26.65
N ASP B 174 -14.17 22.07 25.97
CA ASP B 174 -12.87 22.04 26.64
C ASP B 174 -11.95 23.24 26.42
N SER B 175 -11.45 23.79 27.53
CA SER B 175 -10.54 24.94 27.51
C SER B 175 -9.38 24.76 28.51
N PRO B 176 -8.18 24.45 28.00
CA PRO B 176 -6.93 24.24 28.77
C PRO B 176 -6.32 25.43 29.54
N ASN B 177 -5.12 25.17 30.09
CA ASN B 177 -4.36 26.13 30.89
C ASN B 177 -4.77 27.60 30.89
N GLU B 178 -3.96 28.48 30.31
CA GLU B 178 -4.31 29.88 30.32
C GLU B 178 -5.68 30.07 29.65
N GLY B 179 -5.77 29.85 28.33
CA GLY B 179 -7.06 29.99 27.68
C GLY B 179 -7.15 30.88 26.45
N THR B 180 -6.01 31.18 25.87
CA THR B 180 -5.96 32.02 24.68
C THR B 180 -6.14 31.17 23.42
N ARG B 181 -6.03 31.80 22.26
CA ARG B 181 -6.20 31.07 21.00
C ARG B 181 -5.11 30.01 20.83
N SER B 182 -3.92 30.30 21.35
CA SER B 182 -2.79 29.37 21.30
C SER B 182 -3.02 28.18 22.23
N ASP B 183 -3.64 28.44 23.39
CA ASP B 183 -3.92 27.37 24.35
C ASP B 183 -4.89 26.31 23.84
N ILE B 184 -5.73 26.67 22.87
CA ILE B 184 -6.70 25.71 22.35
C ILE B 184 -6.42 25.23 20.92
N PHE B 185 -6.00 26.14 20.04
CA PHE B 185 -5.75 25.74 18.66
C PHE B 185 -4.56 24.80 18.53
N ALA B 186 -3.85 24.58 19.64
CA ALA B 186 -2.69 23.68 19.66
C ALA B 186 -3.15 22.25 19.33
N LYS B 187 -4.38 21.92 19.74
CA LYS B 187 -4.94 20.61 19.51
C LYS B 187 -5.02 20.30 18.01
N TYR B 188 -4.60 21.27 17.20
CA TYR B 188 -4.63 21.10 15.74
C TYR B 188 -3.20 21.08 15.21
N LYS B 189 -2.22 21.05 16.12
CA LYS B 189 -0.81 21.04 15.71
C LYS B 189 -0.39 19.68 15.12
N ASP B 190 -1.20 18.66 15.39
CA ASP B 190 -0.95 17.32 14.91
C ASP B 190 -1.24 17.11 13.43
N ASN B 191 -1.87 18.08 12.78
CA ASN B 191 -2.20 17.96 11.38
C ASN B 191 -2.92 16.62 11.13
N ARG B 192 -3.78 16.25 12.07
CA ARG B 192 -4.50 14.99 11.92
C ARG B 192 -5.53 15.11 10.81
N ILE B 193 -5.31 14.38 9.73
CA ILE B 193 -6.20 14.41 8.59
C ILE B 193 -7.17 13.23 8.60
N ILE B 194 -8.00 13.16 7.57
CA ILE B 194 -8.96 12.07 7.41
C ILE B 194 -9.45 12.08 5.98
N ASN B 195 -9.52 10.90 5.38
CA ASN B 195 -9.94 10.78 4.01
C ASN B 195 -11.43 10.63 4.03
N MET B 196 -12.11 11.22 3.03
CA MET B 196 -13.56 11.13 3.00
C MET B 196 -14.03 9.70 2.75
N LYS B 197 -13.47 9.03 1.73
CA LYS B 197 -13.86 7.67 1.41
C LYS B 197 -13.73 6.75 2.64
N ASN B 198 -13.21 7.30 3.73
CA ASN B 198 -13.04 6.57 4.97
C ASN B 198 -13.84 7.25 6.09
N PHE B 199 -14.57 8.30 5.73
CA PHE B 199 -15.42 9.06 6.67
C PHE B 199 -16.82 8.48 6.45
N SER B 200 -17.53 8.14 7.53
CA SER B 200 -18.86 7.59 7.36
C SER B 200 -19.98 8.48 7.90
N HIS B 201 -19.64 9.34 8.86
CA HIS B 201 -20.64 10.25 9.44
C HIS B 201 -20.22 10.83 10.77
N PHE B 202 -21.08 11.68 11.32
CA PHE B 202 -20.77 12.31 12.58
C PHE B 202 -21.94 12.21 13.54
N ASP B 203 -21.62 11.87 14.79
CA ASP B 203 -22.62 11.76 15.82
C ASP B 203 -22.26 12.86 16.81
N ILE B 204 -23.15 13.83 16.96
CA ILE B 204 -22.89 14.89 17.91
C ILE B 204 -23.70 14.59 19.15
N TYR B 205 -23.12 14.83 20.31
CA TYR B 205 -23.80 14.57 21.57
C TYR B 205 -23.80 15.84 22.42
N LEU B 206 -24.99 16.25 22.85
CA LEU B 206 -25.13 17.43 23.70
C LEU B 206 -25.65 17.12 25.09
N GLU B 207 -24.73 17.21 26.06
CA GLU B 207 -25.05 16.95 27.47
C GLU B 207 -24.17 17.82 28.36
N ASP C 1 53.77 -46.04 17.56
CA ASP C 1 53.01 -47.29 17.26
C ASP C 1 52.19 -47.81 18.42
N SER C 2 51.02 -48.34 18.09
CA SER C 2 50.09 -48.94 19.03
C SER C 2 49.17 -48.07 19.87
N LYS C 3 49.55 -46.82 20.14
CA LYS C 3 48.70 -45.95 20.96
C LYS C 3 47.31 -45.75 20.35
N LYS C 4 47.27 -45.07 19.20
CA LYS C 4 46.03 -44.78 18.47
C LYS C 4 46.32 -44.36 16.99
N ASP C 5 46.04 -45.25 16.03
CA ASP C 5 46.22 -44.96 14.58
C ASP C 5 44.95 -45.29 13.78
N ILE C 6 45.02 -45.32 12.44
CA ILE C 6 43.85 -45.56 11.60
C ILE C 6 43.06 -46.85 11.78
N SER C 7 43.53 -47.97 11.25
CA SER C 7 42.79 -49.21 11.40
C SER C 7 42.73 -49.63 12.87
N ASN C 8 42.10 -50.76 13.15
CA ASN C 8 41.96 -51.20 14.53
C ASN C 8 41.04 -50.19 15.20
N VAL C 9 40.66 -49.19 14.41
CA VAL C 9 39.74 -48.15 14.79
C VAL C 9 38.54 -48.38 13.86
N LYS C 10 38.78 -48.42 12.56
CA LYS C 10 37.74 -48.68 11.59
C LYS C 10 37.19 -50.09 11.85
N SER C 11 37.70 -50.74 12.90
CA SER C 11 37.26 -52.08 13.28
C SER C 11 36.76 -52.12 14.72
N ASP C 12 37.57 -51.57 15.63
CA ASP C 12 37.20 -51.53 17.04
C ASP C 12 35.77 -50.99 17.07
N LEU C 13 35.54 -49.99 16.21
CA LEU C 13 34.23 -49.37 16.09
C LEU C 13 33.26 -50.36 15.38
N LEU C 14 33.65 -50.85 14.20
CA LEU C 14 32.82 -51.78 13.44
C LEU C 14 32.31 -52.94 14.30
N TYR C 15 33.01 -53.23 15.38
CA TYR C 15 32.56 -54.31 16.27
C TYR C 15 31.57 -53.68 17.23
N ALA C 16 31.99 -52.55 17.81
CA ALA C 16 31.17 -51.85 18.78
C ALA C 16 29.81 -51.44 18.23
N TYR C 17 29.77 -50.98 16.99
CA TYR C 17 28.51 -50.53 16.43
C TYR C 17 27.60 -51.54 15.73
N THR C 18 28.15 -52.56 15.08
CA THR C 18 27.29 -53.55 14.45
C THR C 18 26.57 -54.25 15.59
N ILE C 19 25.80 -53.48 16.36
CA ILE C 19 25.14 -53.98 17.54
C ILE C 19 23.68 -53.63 17.53
N THR C 20 22.84 -54.48 18.08
CA THR C 20 21.39 -54.18 18.09
C THR C 20 21.16 -53.53 19.46
N PRO C 21 20.65 -52.29 19.46
CA PRO C 21 20.41 -51.54 20.70
C PRO C 21 19.16 -51.82 21.49
N TYR C 22 19.15 -51.38 22.73
CA TYR C 22 17.99 -51.54 23.59
C TYR C 22 17.03 -50.38 23.35
N ASP C 23 15.75 -50.69 23.17
CA ASP C 23 14.74 -49.68 22.90
C ASP C 23 13.49 -49.95 23.74
N TYR C 24 13.60 -49.80 25.05
CA TYR C 24 12.45 -50.04 25.91
C TYR C 24 11.77 -48.70 26.00
N LYS C 25 10.44 -48.68 26.04
CA LYS C 25 9.75 -47.41 26.13
C LYS C 25 8.74 -47.37 27.28
N ASP C 26 8.62 -46.19 27.88
CA ASP C 26 7.65 -45.96 28.93
C ASP C 26 7.95 -46.84 30.12
N CYS C 27 9.19 -46.79 30.62
CA CYS C 27 9.56 -47.60 31.80
C CYS C 27 9.76 -46.76 33.04
N ARG C 28 9.24 -47.27 34.17
CA ARG C 28 9.39 -46.59 35.47
C ARG C 28 10.81 -46.72 36.05
N VAL C 29 11.30 -45.66 36.68
CA VAL C 29 12.62 -45.70 37.29
C VAL C 29 12.52 -46.39 38.66
N ASN C 30 13.49 -47.28 38.94
CA ASN C 30 13.52 -48.02 40.20
C ASN C 30 14.14 -47.22 41.37
N PHE C 31 15.35 -46.71 41.18
CA PHE C 31 16.00 -45.94 42.22
C PHE C 31 17.18 -45.21 41.54
N SER C 32 17.80 -44.25 42.21
CA SER C 32 18.91 -43.55 41.55
C SER C 32 20.07 -43.29 42.48
N THR C 33 21.28 -43.58 42.01
CA THR C 33 22.45 -43.36 42.83
C THR C 33 23.03 -42.04 42.33
N THR C 34 24.33 -41.88 42.42
CA THR C 34 24.96 -40.66 41.98
C THR C 34 25.77 -41.07 40.75
N HIS C 35 25.71 -42.36 40.42
CA HIS C 35 26.46 -42.84 39.29
C HIS C 35 25.64 -43.73 38.37
N THR C 36 24.42 -44.04 38.77
CA THR C 36 23.62 -44.91 37.93
C THR C 36 22.16 -44.68 38.10
N LEU C 37 21.44 -44.69 37.00
CA LEU C 37 19.99 -44.60 37.07
C LEU C 37 19.60 -46.03 36.75
N ASN C 38 18.71 -46.58 37.58
CA ASN C 38 18.26 -47.96 37.48
C ASN C 38 16.78 -47.97 37.03
N ILE C 39 16.50 -48.50 35.83
CA ILE C 39 15.13 -48.54 35.30
C ILE C 39 14.51 -49.93 35.24
N ASP C 40 13.17 -49.99 35.33
CA ASP C 40 12.42 -51.28 35.28
C ASP C 40 11.94 -51.66 33.89
N THR C 41 12.65 -52.59 33.26
CA THR C 41 12.28 -53.12 31.94
C THR C 41 11.53 -54.47 32.01
N GLN C 42 10.95 -54.83 33.17
CA GLN C 42 10.29 -56.17 33.28
C GLN C 42 8.99 -56.48 32.49
N LYS C 43 8.38 -55.46 31.89
CA LYS C 43 7.18 -55.66 31.09
C LYS C 43 7.68 -56.13 29.75
N TYR C 44 8.94 -55.79 29.49
CA TYR C 44 9.67 -56.10 28.26
C TYR C 44 10.54 -57.34 28.23
N ARG C 45 11.25 -57.61 29.33
CA ARG C 45 12.18 -58.74 29.36
C ARG C 45 11.91 -59.75 30.48
N GLY C 46 10.73 -59.66 31.09
CA GLY C 46 10.39 -60.63 32.10
C GLY C 46 10.81 -60.25 33.51
N LYS C 47 10.02 -60.68 34.49
CA LYS C 47 10.23 -60.42 35.90
C LYS C 47 11.67 -60.25 36.36
N ASP C 48 11.81 -59.31 37.29
CA ASP C 48 13.08 -58.92 37.91
C ASP C 48 14.17 -58.51 36.92
N TYR C 49 13.77 -57.97 35.78
CA TYR C 49 14.74 -57.50 34.79
C TYR C 49 14.86 -55.98 34.81
N TYR C 50 16.07 -55.47 34.70
CA TYR C 50 16.27 -54.03 34.76
C TYR C 50 17.35 -53.53 33.79
N ILE C 51 17.48 -52.21 33.75
CA ILE C 51 18.47 -51.57 32.90
C ILE C 51 19.19 -50.74 33.95
N SER C 52 20.51 -50.71 33.89
CA SER C 52 21.26 -49.91 34.82
C SER C 52 22.11 -48.95 34.00
N SER C 53 21.56 -47.76 33.79
CA SER C 53 22.21 -46.71 33.04
C SER C 53 23.24 -46.11 33.96
N GLU C 54 24.49 -46.12 33.52
CA GLU C 54 25.58 -45.52 34.30
C GLU C 54 25.85 -44.11 33.77
N MET C 55 25.40 -43.11 34.52
CA MET C 55 25.56 -41.72 34.13
C MET C 55 26.58 -40.92 34.93
N SER C 56 26.63 -39.63 34.60
CA SER C 56 27.52 -38.66 35.23
C SER C 56 26.84 -38.07 36.44
N TYR C 57 27.58 -37.28 37.22
CA TYR C 57 27.03 -36.61 38.41
C TYR C 57 25.87 -35.69 37.96
N GLU C 58 26.19 -34.86 36.97
CA GLU C 58 25.27 -33.91 36.40
C GLU C 58 23.93 -34.50 35.99
N ALA C 59 23.96 -35.69 35.39
CA ALA C 59 22.76 -36.36 34.89
C ALA C 59 21.99 -37.29 35.83
N SER C 60 22.61 -37.71 36.94
CA SER C 60 21.97 -38.61 37.88
C SER C 60 20.90 -37.93 38.71
N GLN C 61 20.85 -36.61 38.66
CA GLN C 61 19.87 -35.87 39.42
C GLN C 61 18.63 -35.45 38.59
N LYS C 62 18.68 -35.66 37.28
CA LYS C 62 17.57 -35.28 36.41
C LYS C 62 16.35 -36.15 36.62
N PHE C 63 16.56 -37.46 36.73
CA PHE C 63 15.44 -38.41 36.91
C PHE C 63 15.51 -39.05 38.29
N LYS C 64 14.39 -39.61 38.76
CA LYS C 64 14.38 -40.24 40.07
C LYS C 64 13.16 -41.17 40.26
N ARG C 65 13.13 -41.91 41.36
CA ARG C 65 12.03 -42.86 41.65
C ARG C 65 10.69 -42.60 40.91
N ASP C 66 10.04 -43.69 40.53
CA ASP C 66 8.75 -43.68 39.84
C ASP C 66 8.59 -42.76 38.62
N ASP C 67 9.70 -42.45 37.94
CA ASP C 67 9.69 -41.60 36.74
C ASP C 67 9.42 -42.49 35.51
N HIS C 68 8.64 -41.98 34.56
CA HIS C 68 8.38 -42.70 33.33
C HIS C 68 9.45 -42.25 32.35
N VAL C 69 10.33 -43.17 32.00
CA VAL C 69 11.44 -42.88 31.11
C VAL C 69 11.42 -43.80 29.87
N ASP C 70 12.04 -43.33 28.78
CA ASP C 70 12.16 -44.12 27.55
C ASP C 70 13.64 -44.41 27.50
N VAL C 71 13.98 -45.65 27.14
CA VAL C 71 15.39 -46.03 27.07
C VAL C 71 15.88 -46.38 25.67
N PHE C 72 17.09 -45.94 25.38
CA PHE C 72 17.70 -46.25 24.11
C PHE C 72 19.17 -46.10 24.33
N GLY C 73 19.84 -47.24 24.48
CA GLY C 73 21.28 -47.21 24.68
C GLY C 73 21.89 -48.48 24.21
N LEU C 74 23.15 -48.39 23.80
CA LEU C 74 23.91 -49.56 23.34
C LEU C 74 24.55 -50.12 24.62
N PHE C 75 24.64 -51.46 24.70
CA PHE C 75 25.26 -52.12 25.86
C PHE C 75 26.76 -52.20 25.66
N TYR C 76 27.51 -52.21 26.76
CA TYR C 76 28.97 -52.28 26.68
C TYR C 76 29.51 -53.57 27.27
N ILE C 77 28.60 -54.36 27.84
CA ILE C 77 28.95 -55.64 28.44
C ILE C 77 27.69 -56.45 28.65
N LEU C 78 27.83 -57.75 28.82
CA LEU C 78 26.62 -58.57 28.97
C LEU C 78 26.39 -59.36 30.24
N ASN C 79 25.14 -59.76 30.33
CA ASN C 79 24.49 -60.49 31.42
C ASN C 79 25.13 -61.48 32.39
N SER C 80 24.30 -62.48 32.68
CA SER C 80 24.52 -63.55 33.65
C SER C 80 24.14 -62.75 34.88
N HIS C 81 22.85 -62.46 34.96
CA HIS C 81 22.21 -61.69 36.01
C HIS C 81 21.11 -61.05 35.18
N THR C 82 20.00 -60.68 35.81
CA THR C 82 18.87 -60.08 35.11
C THR C 82 18.94 -58.56 34.89
N GLY C 83 20.13 -58.00 34.70
CA GLY C 83 20.24 -56.57 34.51
C GLY C 83 21.11 -56.17 33.33
N GLU C 84 20.67 -55.17 32.55
CA GLU C 84 21.44 -54.74 31.39
C GLU C 84 22.19 -53.44 31.67
N TYR C 85 23.45 -53.42 31.21
CA TYR C 85 24.33 -52.29 31.43
C TYR C 85 24.59 -51.39 30.23
N ILE C 86 24.41 -50.09 30.42
CA ILE C 86 24.65 -49.13 29.35
C ILE C 86 25.10 -47.83 29.95
N TYR C 87 25.31 -46.85 29.09
CA TYR C 87 25.71 -45.51 29.53
C TYR C 87 24.64 -44.52 29.08
N GLY C 88 23.86 -44.00 30.02
CA GLY C 88 22.82 -43.02 29.69
C GLY C 88 21.68 -43.41 28.79
N GLY C 89 21.68 -42.87 27.56
CA GLY C 89 20.61 -43.15 26.59
C GLY C 89 19.20 -43.12 27.18
N ILE C 90 19.02 -42.29 28.19
CA ILE C 90 17.73 -42.15 28.88
C ILE C 90 17.09 -40.74 28.69
N THR C 91 15.77 -40.69 28.49
CA THR C 91 15.03 -39.43 28.34
C THR C 91 13.64 -39.54 28.93
N PRO C 92 12.97 -38.40 29.17
CA PRO C 92 11.60 -38.42 29.75
C PRO C 92 10.63 -39.11 28.79
N ALA C 93 9.83 -40.05 29.30
CA ALA C 93 8.92 -40.83 28.45
C ALA C 93 8.15 -39.94 27.46
N GLN C 94 8.01 -40.45 26.23
CA GLN C 94 7.29 -39.75 25.19
C GLN C 94 5.82 -40.00 25.45
N ASN C 95 5.01 -38.93 25.56
CA ASN C 95 3.58 -39.09 25.82
C ASN C 95 2.67 -39.29 24.60
N ASN C 96 3.08 -38.78 23.44
CA ASN C 96 2.23 -38.89 22.26
C ASN C 96 2.99 -39.36 21.03
N LYS C 97 2.41 -40.31 20.30
CA LYS C 97 3.04 -40.85 19.14
C LYS C 97 3.45 -39.68 18.24
N VAL C 98 4.62 -39.77 17.63
CA VAL C 98 5.11 -38.69 16.77
C VAL C 98 6.26 -39.17 15.87
N ASN C 99 6.33 -38.69 14.64
CA ASN C 99 7.39 -39.08 13.71
C ASN C 99 8.20 -37.83 13.41
N HIS C 100 9.49 -37.98 13.18
CA HIS C 100 10.32 -36.81 12.94
C HIS C 100 11.33 -37.01 11.82
N LYS C 101 10.86 -36.87 10.59
CA LYS C 101 11.71 -36.99 9.41
C LYS C 101 12.80 -35.95 9.59
N LEU C 102 14.05 -36.35 9.47
CA LEU C 102 15.16 -35.43 9.64
C LEU C 102 15.61 -34.86 8.33
N LEU C 103 16.57 -33.95 8.39
CA LEU C 103 17.09 -33.31 7.20
C LEU C 103 18.61 -33.21 7.42
N GLY C 104 19.38 -33.33 6.35
CA GLY C 104 20.80 -33.23 6.54
C GLY C 104 21.56 -33.29 5.25
N ASN C 105 22.87 -33.33 5.36
CA ASN C 105 23.71 -33.40 4.18
C ASN C 105 24.83 -34.40 4.40
N LEU C 106 25.36 -34.91 3.30
CA LEU C 106 26.46 -35.85 3.37
C LEU C 106 27.50 -35.30 2.42
N PHE C 107 28.59 -34.80 2.98
CA PHE C 107 29.68 -34.26 2.19
C PHE C 107 30.79 -35.29 2.06
N ILE C 108 31.42 -35.31 0.90
CA ILE C 108 32.49 -36.26 0.64
C ILE C 108 33.61 -35.66 -0.18
N SER C 109 34.82 -35.68 0.38
CA SER C 109 36.02 -35.17 -0.29
C SER C 109 36.26 -35.99 -1.55
N GLY C 110 35.30 -35.90 -2.45
CA GLY C 110 35.32 -36.60 -3.72
C GLY C 110 33.91 -36.32 -4.19
N GLU C 111 33.68 -35.09 -4.66
CA GLU C 111 32.36 -34.67 -5.11
C GLU C 111 31.47 -34.70 -3.87
N SER C 112 31.35 -33.56 -3.20
CA SER C 112 30.53 -33.41 -1.99
C SER C 112 29.04 -33.44 -2.35
N GLN C 113 28.24 -32.75 -1.54
CA GLN C 113 26.82 -32.63 -1.75
C GLN C 113 26.13 -33.92 -2.20
N GLN C 114 25.59 -34.66 -1.24
CA GLN C 114 24.84 -35.89 -1.51
C GLN C 114 23.59 -35.61 -0.67
N ASN C 115 22.57 -36.45 -0.71
CA ASN C 115 21.38 -36.12 0.08
C ASN C 115 20.88 -37.12 1.12
N LEU C 116 20.15 -36.60 2.09
CA LEU C 116 19.62 -37.42 3.15
C LEU C 116 18.32 -36.91 3.76
N ASN C 117 17.63 -36.04 3.05
CA ASN C 117 16.37 -35.51 3.58
C ASN C 117 15.33 -36.62 3.56
N ASN C 118 14.83 -36.97 4.72
CA ASN C 118 13.81 -38.03 4.85
C ASN C 118 14.39 -39.45 4.80
N LYS C 119 15.58 -39.64 5.35
CA LYS C 119 16.20 -40.97 5.33
C LYS C 119 16.68 -41.51 6.69
N ILE C 120 16.16 -40.92 7.76
CA ILE C 120 16.47 -41.27 9.14
C ILE C 120 15.37 -40.68 9.98
N ILE C 121 14.57 -41.54 10.60
CA ILE C 121 13.49 -41.01 11.40
C ILE C 121 13.68 -41.22 12.88
N LEU C 122 13.40 -40.18 13.66
CA LEU C 122 13.49 -40.25 15.10
C LEU C 122 12.04 -40.21 15.55
N GLU C 123 11.73 -40.78 16.70
CA GLU C 123 10.35 -40.82 17.16
C GLU C 123 10.19 -40.30 18.58
N LYS C 124 11.00 -39.29 18.90
CA LYS C 124 10.98 -38.65 20.21
C LYS C 124 11.21 -37.15 20.02
N ASP C 125 10.68 -36.35 20.96
CA ASP C 125 10.86 -34.92 20.91
C ASP C 125 12.10 -34.62 21.72
N ILE C 126 12.49 -35.58 22.55
CA ILE C 126 13.71 -35.47 23.34
C ILE C 126 14.47 -36.78 23.12
N VAL C 127 15.50 -36.65 22.30
CA VAL C 127 16.36 -37.74 21.88
C VAL C 127 17.73 -37.49 22.41
N THR C 128 18.46 -38.56 22.69
CA THR C 128 19.81 -38.37 23.20
C THR C 128 20.80 -38.47 22.01
N PHE C 129 22.00 -37.91 22.17
CA PHE C 129 22.95 -37.99 21.07
C PHE C 129 23.34 -39.43 20.78
N GLN C 130 23.32 -40.28 21.82
CA GLN C 130 23.67 -41.69 21.64
C GLN C 130 22.77 -42.30 20.56
N GLU C 131 21.47 -42.07 20.71
CA GLU C 131 20.49 -42.58 19.76
C GLU C 131 20.76 -42.00 18.37
N ILE C 132 20.94 -40.68 18.29
CA ILE C 132 21.20 -40.06 16.98
C ILE C 132 22.52 -40.59 16.48
N ASP C 133 23.59 -40.34 17.23
CA ASP C 133 24.91 -40.82 16.85
C ASP C 133 24.72 -42.21 16.23
N PHE C 134 24.02 -43.08 16.95
CA PHE C 134 23.78 -44.41 16.46
C PHE C 134 23.01 -44.45 15.14
N LYS C 135 21.69 -44.25 15.20
CA LYS C 135 20.89 -44.29 13.98
C LYS C 135 21.59 -43.72 12.75
N ILE C 136 22.31 -42.61 12.92
CA ILE C 136 23.02 -42.02 11.79
C ILE C 136 24.21 -42.87 11.31
N ARG C 137 25.08 -43.30 12.24
CA ARG C 137 26.22 -44.14 11.84
C ARG C 137 25.72 -45.42 11.16
N LYS C 138 24.83 -46.13 11.85
CA LYS C 138 24.31 -47.36 11.33
C LYS C 138 23.86 -47.13 9.90
N TYR C 139 23.46 -45.88 9.58
CA TYR C 139 22.99 -45.57 8.25
C TYR C 139 24.19 -45.63 7.32
N LEU C 140 25.23 -44.87 7.65
CA LEU C 140 26.45 -44.82 6.87
C LEU C 140 27.08 -46.21 6.74
N MET C 141 26.83 -47.05 7.74
CA MET C 141 27.35 -48.40 7.68
C MET C 141 26.54 -49.14 6.59
N ASP C 142 25.25 -49.34 6.85
CA ASP C 142 24.34 -50.00 5.91
C ASP C 142 24.41 -49.47 4.48
N ASN C 143 24.90 -48.25 4.28
CA ASN C 143 24.92 -47.68 2.93
C ASN C 143 26.24 -47.15 2.41
N TYR C 144 27.14 -46.77 3.31
CA TYR C 144 28.43 -46.28 2.87
C TYR C 144 29.53 -47.16 3.39
N LYS C 145 29.13 -48.24 4.07
CA LYS C 145 30.06 -49.22 4.64
C LYS C 145 31.36 -48.52 5.00
N ILE C 146 31.26 -47.41 5.74
CA ILE C 146 32.44 -46.61 6.10
C ILE C 146 33.43 -47.25 7.08
N TYR C 147 32.98 -48.26 7.84
CA TYR C 147 33.88 -48.91 8.79
C TYR C 147 34.48 -50.21 8.22
N ASP C 148 33.99 -50.62 7.04
CA ASP C 148 34.49 -51.83 6.39
C ASP C 148 35.96 -51.65 6.15
N ALA C 149 36.71 -52.75 6.15
CA ALA C 149 38.17 -52.73 5.97
C ALA C 149 38.63 -52.18 4.63
N THR C 150 37.94 -52.55 3.56
CA THR C 150 38.30 -52.08 2.23
C THR C 150 37.74 -50.67 2.01
N SER C 151 38.06 -49.73 2.90
CA SER C 151 37.48 -48.39 2.79
C SER C 151 38.35 -47.19 2.51
N PRO C 152 37.82 -46.22 1.74
CA PRO C 152 38.43 -44.97 1.30
C PRO C 152 38.34 -43.89 2.34
N TYR C 153 37.79 -44.22 3.50
CA TYR C 153 37.60 -43.23 4.56
C TYR C 153 38.57 -43.39 5.73
N VAL C 154 39.13 -42.25 6.15
CA VAL C 154 40.11 -42.21 7.26
C VAL C 154 39.75 -41.07 8.21
N SER C 155 38.85 -40.21 7.75
CA SER C 155 38.39 -39.06 8.52
C SER C 155 36.87 -38.97 8.46
N GLY C 156 36.32 -37.91 9.03
CA GLY C 156 34.89 -37.73 9.00
C GLY C 156 34.25 -37.44 10.33
N ARG C 157 33.19 -36.62 10.31
CA ARG C 157 32.47 -36.27 11.53
C ARG C 157 31.02 -35.91 11.25
N ILE C 158 30.21 -36.05 12.28
CA ILE C 158 28.79 -35.70 12.18
C ILE C 158 28.68 -34.36 12.85
N GLU C 159 27.90 -33.49 12.24
CA GLU C 159 27.69 -32.18 12.83
C GLU C 159 26.19 -32.08 13.04
N ILE C 160 25.79 -31.76 14.26
CA ILE C 160 24.37 -31.60 14.53
C ILE C 160 24.08 -30.12 14.52
N GLY C 161 22.95 -29.73 13.92
CA GLY C 161 22.62 -28.32 13.90
C GLY C 161 21.61 -27.96 14.94
N THR C 162 21.83 -26.83 15.62
CA THR C 162 20.87 -26.36 16.62
C THR C 162 20.25 -25.19 15.92
N LYS C 163 19.03 -24.84 16.28
CA LYS C 163 18.40 -23.71 15.65
C LYS C 163 18.88 -22.41 16.29
N ASP C 164 19.92 -22.52 17.10
CA ASP C 164 20.49 -21.34 17.75
C ASP C 164 21.93 -21.24 17.28
N GLY C 165 22.20 -21.77 16.10
CA GLY C 165 23.55 -21.74 15.54
C GLY C 165 24.60 -22.17 16.55
N LYS C 166 24.56 -23.46 16.90
CA LYS C 166 25.48 -24.04 17.86
C LYS C 166 25.70 -25.51 17.46
N HIS C 167 26.49 -25.73 16.43
CA HIS C 167 26.76 -27.08 15.94
C HIS C 167 27.29 -27.96 17.07
N GLU C 168 27.25 -29.26 16.84
CA GLU C 168 27.71 -30.26 17.78
C GLU C 168 28.54 -31.31 17.04
N GLN C 169 29.80 -31.49 17.46
CA GLN C 169 30.68 -32.43 16.80
C GLN C 169 30.56 -33.88 17.25
N ILE C 170 30.80 -34.80 16.32
CA ILE C 170 30.73 -36.24 16.62
C ILE C 170 31.68 -37.06 15.74
N ASP C 171 32.94 -37.10 16.15
CA ASP C 171 34.01 -37.83 15.46
C ASP C 171 33.62 -39.25 15.03
N LEU C 172 33.40 -39.45 13.73
CA LEU C 172 33.01 -40.76 13.21
C LEU C 172 34.08 -41.84 13.27
N PHE C 173 35.35 -41.44 13.43
CA PHE C 173 36.46 -42.39 13.48
C PHE C 173 37.38 -42.30 14.70
N ASP C 174 36.83 -42.46 15.90
CA ASP C 174 37.68 -42.41 17.09
C ASP C 174 37.27 -43.53 18.05
N SER C 175 38.27 -44.13 18.70
CA SER C 175 38.10 -45.23 19.65
C SER C 175 39.26 -45.19 20.65
N PRO C 176 39.03 -44.63 21.85
CA PRO C 176 40.10 -44.55 22.85
C PRO C 176 40.37 -45.75 23.74
N ASN C 177 41.52 -45.74 24.41
CA ASN C 177 41.94 -46.80 25.31
C ASN C 177 41.91 -48.14 24.57
N GLU C 178 42.12 -49.26 25.26
CA GLU C 178 42.13 -50.58 24.61
C GLU C 178 41.29 -50.68 23.34
N GLY C 179 40.11 -50.08 23.36
CA GLY C 179 39.23 -50.12 22.20
C GLY C 179 38.18 -51.18 22.38
N THR C 180 37.23 -50.90 23.27
CA THR C 180 36.17 -51.84 23.57
C THR C 180 34.87 -51.06 23.51
N ARG C 181 33.76 -51.76 23.65
CA ARG C 181 32.47 -51.09 23.63
C ARG C 181 32.32 -50.24 24.89
N SER C 182 32.94 -50.70 25.98
CA SER C 182 32.91 -49.97 27.25
C SER C 182 33.78 -48.75 27.15
N ASP C 183 34.74 -48.79 26.24
CA ASP C 183 35.62 -47.64 26.04
C ASP C 183 34.79 -46.67 25.24
N ILE C 184 34.64 -47.00 23.95
CA ILE C 184 33.88 -46.21 22.98
C ILE C 184 32.57 -45.57 23.53
N PHE C 185 31.57 -46.39 23.83
CA PHE C 185 30.28 -45.91 24.34
C PHE C 185 30.38 -45.05 25.58
N ALA C 186 31.53 -45.10 26.26
CA ALA C 186 31.69 -44.32 27.51
C ALA C 186 31.43 -42.82 27.28
N LYS C 187 31.61 -42.37 26.05
CA LYS C 187 31.39 -40.97 25.65
C LYS C 187 29.98 -40.51 25.95
N TYR C 188 29.06 -41.46 26.09
CA TYR C 188 27.65 -41.19 26.38
C TYR C 188 27.34 -41.09 27.90
N LYS C 189 28.36 -41.17 28.75
CA LYS C 189 28.12 -41.16 30.19
C LYS C 189 27.34 -39.93 30.62
N ASP C 190 27.62 -38.81 29.95
CA ASP C 190 26.98 -37.54 30.27
C ASP C 190 25.46 -37.41 29.98
N ASN C 191 24.90 -38.42 29.31
CA ASN C 191 23.50 -38.46 28.99
C ASN C 191 22.91 -37.19 28.35
N ARG C 192 23.77 -36.51 27.62
CA ARG C 192 23.42 -35.29 26.92
C ARG C 192 22.31 -35.50 25.84
N ILE C 193 21.33 -34.59 25.77
CA ILE C 193 20.22 -34.70 24.80
C ILE C 193 19.98 -33.48 23.93
N ILE C 194 18.82 -33.46 23.29
CA ILE C 194 18.48 -32.30 22.49
C ILE C 194 16.99 -32.29 22.28
N ASN C 195 16.37 -31.09 22.30
CA ASN C 195 14.93 -31.02 22.07
C ASN C 195 14.85 -30.97 20.57
N MET C 196 13.94 -31.76 19.97
CA MET C 196 13.84 -31.74 18.51
C MET C 196 13.52 -30.35 17.93
N LYS C 197 12.81 -29.49 18.68
CA LYS C 197 12.50 -28.17 18.15
C LYS C 197 13.73 -27.28 18.15
N ASN C 198 14.80 -27.74 18.81
CA ASN C 198 16.05 -26.99 18.79
C ASN C 198 16.93 -27.74 17.78
N PHE C 199 16.47 -28.92 17.36
CA PHE C 199 17.21 -29.68 16.34
C PHE C 199 16.88 -29.07 15.00
N SER C 200 17.89 -28.82 14.20
CA SER C 200 17.69 -28.23 12.89
C SER C 200 18.05 -29.24 11.81
N HIS C 201 19.33 -29.60 11.71
CA HIS C 201 19.75 -30.53 10.66
C HIS C 201 21.10 -31.16 11.02
N PHE C 202 21.52 -32.13 10.20
CA PHE C 202 22.81 -32.80 10.39
C PHE C 202 23.60 -32.75 9.08
N ASP C 203 24.91 -32.51 9.19
CA ASP C 203 25.80 -32.47 8.04
C ASP C 203 26.87 -33.52 8.35
N ILE C 204 27.00 -34.52 7.48
CA ILE C 204 27.99 -35.57 7.65
C ILE C 204 29.15 -35.33 6.69
N TYR C 205 30.38 -35.31 7.23
CA TYR C 205 31.57 -35.10 6.42
C TYR C 205 32.47 -36.34 6.31
N LEU C 206 33.15 -36.49 5.18
CA LEU C 206 34.06 -37.62 4.94
C LEU C 206 35.30 -37.19 4.10
N GLU C 207 36.48 -37.19 4.72
CA GLU C 207 37.72 -36.80 4.04
C GLU C 207 38.68 -37.97 3.77
N LYS C 208 39.29 -37.97 2.58
CA LYS C 208 40.23 -39.04 2.15
C LYS C 208 41.68 -38.62 2.03
N LYS D 3 -42.76 -2.59 -17.42
CA LYS D 3 -43.68 -1.48 -17.71
C LYS D 3 -45.08 -1.81 -17.19
N LYS D 4 -46.07 -1.86 -18.08
CA LYS D 4 -47.45 -2.15 -17.69
C LYS D 4 -47.76 -1.14 -16.59
N ASP D 5 -48.00 0.10 -16.98
CA ASP D 5 -48.24 1.21 -16.05
C ASP D 5 -48.67 0.83 -14.65
N ILE D 6 -48.25 1.68 -13.72
CA ILE D 6 -48.48 1.53 -12.29
C ILE D 6 -49.72 0.77 -11.83
N SER D 7 -50.59 0.41 -12.76
CA SER D 7 -51.78 -0.38 -12.45
C SER D 7 -51.29 -1.83 -12.46
N ASN D 8 -51.71 -2.63 -11.48
CA ASN D 8 -51.30 -4.03 -11.42
C ASN D 8 -49.81 -4.17 -11.06
N VAL D 9 -49.13 -3.03 -10.90
CA VAL D 9 -47.71 -3.03 -10.55
C VAL D 9 -47.55 -2.82 -9.05
N LYS D 10 -48.20 -1.78 -8.54
CA LYS D 10 -48.16 -1.49 -7.12
C LYS D 10 -48.93 -2.61 -6.39
N SER D 11 -49.34 -3.62 -7.14
CA SER D 11 -50.08 -4.74 -6.58
C SER D 11 -49.27 -6.03 -6.63
N ASP D 12 -48.83 -6.42 -7.83
CA ASP D 12 -48.03 -7.62 -7.96
C ASP D 12 -46.71 -7.40 -7.23
N LEU D 13 -46.63 -6.23 -6.61
CA LEU D 13 -45.47 -5.83 -5.83
C LEU D 13 -45.79 -6.16 -4.38
N LEU D 14 -46.99 -5.80 -3.96
CA LEU D 14 -47.44 -6.05 -2.59
C LEU D 14 -47.46 -7.56 -2.40
N TYR D 15 -47.59 -8.28 -3.50
CA TYR D 15 -47.61 -9.71 -3.44
C TYR D 15 -46.18 -10.26 -3.39
N ALA D 16 -45.29 -9.63 -4.15
CA ALA D 16 -43.91 -10.07 -4.20
C ALA D 16 -43.13 -9.74 -2.94
N TYR D 17 -43.10 -8.47 -2.57
CA TYR D 17 -42.32 -8.03 -1.41
C TYR D 17 -42.94 -8.06 0.00
N THR D 18 -44.12 -8.65 0.11
CA THR D 18 -44.76 -8.83 1.42
C THR D 18 -44.48 -10.31 1.58
N ILE D 19 -43.21 -10.60 1.91
CA ILE D 19 -42.70 -11.97 2.01
C ILE D 19 -41.74 -12.13 3.21
N THR D 20 -41.60 -13.36 3.71
CA THR D 20 -40.64 -13.63 4.82
C THR D 20 -39.38 -14.18 4.14
N PRO D 21 -38.23 -13.49 4.31
CA PRO D 21 -36.98 -13.94 3.68
C PRO D 21 -36.25 -15.06 4.43
N TYR D 22 -35.63 -15.98 3.70
CA TYR D 22 -34.88 -17.04 4.37
C TYR D 22 -33.60 -16.40 4.95
N ASP D 23 -33.44 -16.45 6.26
CA ASP D 23 -32.30 -15.83 6.91
C ASP D 23 -31.38 -16.87 7.55
N TYR D 24 -30.98 -17.89 6.79
CA TYR D 24 -30.15 -18.94 7.35
C TYR D 24 -28.68 -18.52 7.37
N LYS D 25 -28.10 -18.37 8.56
CA LYS D 25 -26.71 -17.97 8.69
C LYS D 25 -25.81 -19.16 8.94
N ASP D 26 -24.62 -19.16 8.31
CA ASP D 26 -23.62 -20.22 8.51
C ASP D 26 -24.02 -21.59 8.00
N CYS D 27 -23.86 -21.82 6.71
CA CYS D 27 -24.21 -23.11 6.11
C CYS D 27 -23.05 -23.51 5.19
N ARG D 28 -23.10 -24.68 4.58
CA ARG D 28 -21.96 -25.06 3.76
C ARG D 28 -22.20 -25.45 2.32
N VAL D 29 -21.20 -25.21 1.47
CA VAL D 29 -21.34 -25.58 0.08
C VAL D 29 -21.23 -27.08 -0.01
N ASN D 30 -22.34 -27.58 -0.52
CA ASN D 30 -22.71 -28.95 -0.68
C ASN D 30 -22.52 -29.42 -2.13
N PHE D 31 -22.48 -28.47 -3.06
CA PHE D 31 -22.25 -28.71 -4.50
C PHE D 31 -22.70 -27.54 -5.38
N SER D 32 -21.77 -27.06 -6.20
CA SER D 32 -22.00 -25.93 -7.08
C SER D 32 -22.04 -26.34 -8.55
N THR D 33 -23.05 -25.86 -9.28
CA THR D 33 -23.16 -26.16 -10.70
C THR D 33 -23.08 -24.84 -11.47
N THR D 34 -22.77 -24.95 -12.75
CA THR D 34 -22.66 -23.78 -13.62
C THR D 34 -23.90 -22.91 -13.60
N HIS D 35 -24.99 -23.44 -13.04
CA HIS D 35 -26.25 -22.69 -12.96
C HIS D 35 -26.75 -22.49 -11.54
N THR D 36 -26.24 -23.27 -10.59
CA THR D 36 -26.69 -23.15 -9.21
C THR D 36 -25.65 -23.36 -8.14
N LEU D 37 -26.14 -23.31 -6.90
CA LEU D 37 -25.36 -23.49 -5.69
C LEU D 37 -26.36 -24.14 -4.74
N ASN D 38 -25.99 -25.29 -4.17
CA ASN D 38 -26.85 -26.03 -3.25
C ASN D 38 -26.35 -25.89 -1.82
N ILE D 39 -27.20 -25.40 -0.93
CA ILE D 39 -26.82 -25.18 0.46
C ILE D 39 -27.54 -26.00 1.52
N ASP D 40 -26.77 -26.34 2.56
CA ASP D 40 -27.22 -27.14 3.70
C ASP D 40 -28.16 -26.31 4.60
N THR D 41 -29.47 -26.54 4.53
CA THR D 41 -30.38 -25.79 5.39
C THR D 41 -30.75 -26.62 6.60
N GLN D 42 -30.09 -27.77 6.71
CA GLN D 42 -30.32 -28.64 7.85
C GLN D 42 -29.69 -27.89 9.03
N LYS D 43 -30.35 -27.93 10.18
CA LYS D 43 -29.90 -27.25 11.40
C LYS D 43 -30.63 -25.91 11.45
N TYR D 44 -31.66 -25.84 10.61
CA TYR D 44 -32.54 -24.68 10.47
C TYR D 44 -33.87 -25.29 10.03
N ARG D 45 -33.81 -26.16 9.03
CA ARG D 45 -34.99 -26.81 8.49
C ARG D 45 -35.23 -28.23 9.00
N GLY D 46 -34.30 -29.14 8.71
CA GLY D 46 -34.45 -30.51 9.14
C GLY D 46 -33.51 -31.43 8.37
N LYS D 47 -33.71 -32.74 8.48
CA LYS D 47 -32.86 -33.66 7.77
C LYS D 47 -33.24 -33.66 6.29
N ASP D 48 -32.24 -33.59 5.41
CA ASP D 48 -32.43 -33.63 3.96
C ASP D 48 -32.73 -32.29 3.29
N TYR D 49 -32.91 -31.24 4.09
CA TYR D 49 -33.22 -29.93 3.53
C TYR D 49 -32.06 -29.22 2.86
N TYR D 50 -32.40 -28.46 1.82
CA TYR D 50 -31.41 -27.69 1.07
C TYR D 50 -32.00 -26.41 0.43
N ILE D 51 -31.16 -25.39 0.30
CA ILE D 51 -31.52 -24.13 -0.35
C ILE D 51 -30.90 -24.28 -1.75
N SER D 52 -31.58 -23.76 -2.77
CA SER D 52 -31.05 -23.87 -4.12
C SER D 52 -30.96 -22.50 -4.78
N SER D 53 -29.77 -21.94 -4.77
CA SER D 53 -29.52 -20.64 -5.38
C SER D 53 -29.23 -20.89 -6.86
N GLU D 54 -30.06 -20.35 -7.74
CA GLU D 54 -29.87 -20.53 -9.17
C GLU D 54 -29.18 -19.28 -9.66
N MET D 55 -27.84 -19.27 -9.60
CA MET D 55 -27.04 -18.12 -9.99
C MET D 55 -26.61 -18.01 -11.46
N SER D 56 -26.13 -16.83 -11.81
CA SER D 56 -25.64 -16.56 -13.16
C SER D 56 -24.34 -17.30 -13.32
N TYR D 57 -23.82 -17.40 -14.54
CA TYR D 57 -22.55 -18.08 -14.69
C TYR D 57 -21.49 -17.40 -13.85
N GLU D 58 -21.35 -16.08 -14.06
CA GLU D 58 -20.36 -15.31 -13.34
C GLU D 58 -20.45 -15.51 -11.83
N ALA D 59 -21.60 -16.02 -11.37
CA ALA D 59 -21.83 -16.21 -9.94
C ALA D 59 -21.34 -17.52 -9.38
N SER D 60 -21.70 -18.63 -10.01
CA SER D 60 -21.30 -19.95 -9.54
C SER D 60 -19.84 -19.96 -9.11
N GLN D 61 -18.98 -19.40 -9.96
CA GLN D 61 -17.54 -19.31 -9.74
C GLN D 61 -16.98 -19.93 -8.46
N LYS D 62 -16.60 -19.11 -7.49
CA LYS D 62 -16.01 -19.67 -6.28
C LYS D 62 -16.83 -19.78 -5.02
N PHE D 63 -17.78 -20.70 -5.06
CA PHE D 63 -18.63 -21.03 -3.92
C PHE D 63 -18.72 -22.55 -3.96
N LYS D 64 -17.64 -23.17 -3.53
CA LYS D 64 -17.47 -24.61 -3.55
C LYS D 64 -17.61 -25.30 -2.18
N ARG D 65 -17.78 -26.61 -2.22
CA ARG D 65 -17.95 -27.43 -1.02
C ARG D 65 -17.12 -27.03 0.19
N ASP D 66 -17.81 -27.00 1.33
CA ASP D 66 -17.26 -26.64 2.62
C ASP D 66 -16.87 -25.17 2.79
N ASP D 67 -17.48 -24.32 1.96
CA ASP D 67 -17.27 -22.90 2.08
C ASP D 67 -18.56 -22.51 2.80
N HIS D 68 -18.47 -22.32 4.12
CA HIS D 68 -19.63 -21.96 4.92
C HIS D 68 -20.18 -20.61 4.53
N VAL D 69 -21.45 -20.59 4.09
CA VAL D 69 -22.11 -19.37 3.63
C VAL D 69 -23.27 -18.83 4.47
N ASP D 70 -23.50 -17.53 4.38
CA ASP D 70 -24.61 -16.86 5.06
C ASP D 70 -25.63 -16.66 3.95
N VAL D 71 -26.88 -17.06 4.17
CA VAL D 71 -27.92 -16.93 3.13
C VAL D 71 -29.07 -15.98 3.43
N PHE D 72 -29.51 -15.22 2.41
CA PHE D 72 -30.64 -14.27 2.57
C PHE D 72 -31.25 -13.93 1.22
N GLY D 73 -32.42 -14.51 0.94
CA GLY D 73 -33.08 -14.23 -0.32
C GLY D 73 -34.54 -14.57 -0.23
N LEU D 74 -35.27 -14.31 -1.32
CA LEU D 74 -36.70 -14.57 -1.42
C LEU D 74 -36.91 -15.77 -2.34
N PHE D 75 -38.11 -16.35 -2.33
CA PHE D 75 -38.39 -17.52 -3.15
C PHE D 75 -39.35 -17.22 -4.30
N TYR D 76 -39.57 -18.20 -5.18
CA TYR D 76 -40.51 -18.02 -6.29
C TYR D 76 -41.61 -19.10 -6.39
N ILE D 77 -41.59 -20.06 -5.47
CA ILE D 77 -42.62 -21.11 -5.37
C ILE D 77 -42.33 -22.08 -4.22
N LEU D 78 -43.30 -22.90 -3.86
CA LEU D 78 -43.15 -23.84 -2.75
C LEU D 78 -43.28 -25.33 -3.08
N ASN D 79 -43.37 -26.10 -2.00
CA ASN D 79 -43.48 -27.55 -2.00
C ASN D 79 -43.00 -28.45 -3.12
N SER D 80 -41.82 -28.98 -2.85
CA SER D 80 -41.08 -29.95 -3.63
C SER D 80 -40.51 -30.49 -2.35
N HIS D 81 -41.33 -30.27 -1.34
CA HIS D 81 -41.12 -30.68 0.02
C HIS D 81 -39.78 -30.42 0.70
N THR D 82 -38.73 -31.09 0.23
CA THR D 82 -37.47 -30.88 0.92
C THR D 82 -36.42 -30.02 0.21
N GLY D 83 -36.89 -29.03 -0.55
CA GLY D 83 -35.98 -28.14 -1.26
C GLY D 83 -36.53 -26.73 -1.42
N GLU D 84 -35.71 -25.72 -1.16
CA GLU D 84 -36.13 -24.31 -1.27
C GLU D 84 -35.43 -23.58 -2.42
N TYR D 85 -36.17 -22.74 -3.14
CA TYR D 85 -35.66 -22.00 -4.31
C TYR D 85 -35.57 -20.46 -4.20
N ILE D 86 -34.39 -19.89 -4.46
CA ILE D 86 -34.24 -18.43 -4.45
C ILE D 86 -33.29 -18.02 -5.56
N TYR D 87 -33.11 -16.71 -5.74
CA TYR D 87 -32.21 -16.18 -6.76
C TYR D 87 -31.11 -15.41 -6.05
N GLY D 88 -29.87 -15.87 -6.22
CA GLY D 88 -28.75 -15.20 -5.59
C GLY D 88 -28.78 -15.24 -4.07
N GLY D 89 -28.67 -14.06 -3.46
CA GLY D 89 -28.67 -13.96 -2.01
C GLY D 89 -27.73 -14.87 -1.24
N ILE D 90 -26.44 -14.83 -1.59
CA ILE D 90 -25.44 -15.69 -0.93
C ILE D 90 -24.10 -14.98 -0.65
N THR D 91 -23.68 -14.92 0.61
CA THR D 91 -22.44 -14.25 0.95
C THR D 91 -21.56 -15.08 1.87
N PRO D 92 -20.23 -14.87 1.85
CA PRO D 92 -19.36 -15.66 2.73
C PRO D 92 -19.98 -15.56 4.12
N ALA D 93 -19.80 -16.59 4.94
CA ALA D 93 -20.37 -16.62 6.27
C ALA D 93 -19.77 -15.58 7.21
N GLN D 94 -20.60 -14.72 7.77
CA GLN D 94 -20.10 -13.72 8.70
C GLN D 94 -19.58 -14.44 9.94
N ASN D 95 -18.47 -13.95 10.48
CA ASN D 95 -17.88 -14.52 11.70
C ASN D 95 -18.34 -13.72 12.91
N ASN D 96 -17.62 -12.66 13.23
CA ASN D 96 -17.94 -11.81 14.36
C ASN D 96 -19.32 -11.19 14.19
N LYS D 97 -19.99 -10.93 15.32
CA LYS D 97 -21.33 -10.35 15.34
C LYS D 97 -21.25 -8.85 15.16
N VAL D 98 -22.06 -8.34 14.25
CA VAL D 98 -22.07 -6.92 13.99
C VAL D 98 -23.47 -6.43 13.69
N ASN D 99 -23.67 -5.12 13.84
CA ASN D 99 -24.95 -4.45 13.60
C ASN D 99 -24.55 -3.17 12.89
N HIS D 100 -24.88 -3.07 11.62
CA HIS D 100 -24.54 -1.88 10.85
C HIS D 100 -25.75 -0.98 10.58
N LYS D 101 -25.80 0.08 11.39
CA LYS D 101 -26.86 1.08 11.31
C LYS D 101 -26.56 1.79 10.01
N LEU D 102 -27.57 1.96 9.19
CA LEU D 102 -27.39 2.59 7.91
C LEU D 102 -27.87 4.05 7.92
N LEU D 103 -27.11 4.93 7.26
CA LEU D 103 -27.46 6.36 7.17
C LEU D 103 -28.17 6.62 5.84
N GLY D 104 -29.28 7.35 5.86
CA GLY D 104 -29.98 7.61 4.61
C GLY D 104 -30.97 8.79 4.62
N ASN D 105 -31.51 9.09 3.44
CA ASN D 105 -32.47 10.19 3.27
C ASN D 105 -33.60 9.81 2.35
N LEU D 106 -34.77 10.40 2.60
CA LEU D 106 -35.93 10.17 1.76
C LEU D 106 -36.22 11.49 1.06
N PHE D 107 -36.49 11.43 -0.23
CA PHE D 107 -36.80 12.61 -1.00
C PHE D 107 -38.11 12.41 -1.75
N ILE D 108 -39.16 13.05 -1.27
CA ILE D 108 -40.49 12.98 -1.89
C ILE D 108 -40.76 14.38 -2.40
N SER D 109 -41.10 14.48 -3.67
CA SER D 109 -41.33 15.79 -4.30
C SER D 109 -42.55 16.60 -3.89
N GLY D 110 -42.27 17.68 -3.16
CA GLY D 110 -43.24 18.63 -2.67
C GLY D 110 -42.34 19.65 -1.98
N GLU D 111 -41.22 19.11 -1.52
CA GLU D 111 -40.13 19.77 -0.81
C GLU D 111 -39.63 18.46 -0.24
N SER D 112 -38.74 18.47 0.74
CA SER D 112 -38.22 17.17 1.29
C SER D 112 -36.76 17.18 1.79
N GLN D 113 -36.48 18.04 2.78
CA GLN D 113 -35.17 18.19 3.44
C GLN D 113 -35.24 18.17 4.97
N LEU D 116 -33.44 9.17 7.28
CA LEU D 116 -33.88 7.86 7.86
C LEU D 116 -32.80 7.27 8.79
N ASN D 117 -31.70 8.00 8.95
CA ASN D 117 -30.58 7.60 9.81
C ASN D 117 -30.93 6.68 10.97
N ASN D 118 -30.10 5.64 11.13
CA ASN D 118 -30.26 4.67 12.21
C ASN D 118 -31.58 3.90 12.11
N LYS D 119 -32.25 3.97 10.96
CA LYS D 119 -33.52 3.26 10.84
C LYS D 119 -33.56 2.10 9.86
N ILE D 120 -32.54 1.25 9.94
CA ILE D 120 -32.39 0.04 9.12
C ILE D 120 -30.94 -0.41 9.32
N ILE D 121 -30.75 -1.27 10.31
CA ILE D 121 -29.43 -1.78 10.66
C ILE D 121 -29.15 -3.08 9.89
N LEU D 122 -27.89 -3.28 9.51
CA LEU D 122 -27.47 -4.48 8.77
C LEU D 122 -26.54 -5.26 9.65
N GLU D 123 -26.51 -6.58 9.50
CA GLU D 123 -25.66 -7.40 10.36
C GLU D 123 -24.60 -8.22 9.64
N LYS D 124 -24.27 -7.81 8.42
CA LYS D 124 -23.23 -8.52 7.66
C LYS D 124 -22.27 -7.47 7.12
N ASP D 125 -20.99 -7.79 7.10
CA ASP D 125 -20.01 -6.86 6.56
C ASP D 125 -19.96 -6.95 5.06
N ILE D 126 -20.52 -8.03 4.53
CA ILE D 126 -20.58 -8.21 3.10
C ILE D 126 -22.05 -8.50 2.87
N VAL D 127 -22.75 -7.53 2.27
CA VAL D 127 -24.17 -7.69 2.06
C VAL D 127 -24.58 -7.67 0.59
N THR D 128 -25.57 -8.49 0.25
CA THR D 128 -26.07 -8.54 -1.10
C THR D 128 -26.99 -7.34 -1.31
N PHE D 129 -27.36 -7.07 -2.56
CA PHE D 129 -28.28 -5.97 -2.79
C PHE D 129 -29.69 -6.50 -2.49
N GLN D 130 -29.90 -7.79 -2.79
CA GLN D 130 -31.18 -8.42 -2.54
C GLN D 130 -31.65 -8.16 -1.11
N GLU D 131 -30.73 -8.32 -0.14
CA GLU D 131 -31.08 -8.10 1.26
C GLU D 131 -31.28 -6.62 1.56
N ILE D 132 -30.38 -5.81 1.02
CA ILE D 132 -30.43 -4.37 1.23
C ILE D 132 -31.67 -3.76 0.61
N ASP D 133 -31.97 -4.15 -0.63
CA ASP D 133 -33.15 -3.61 -1.29
C ASP D 133 -34.40 -4.03 -0.53
N PHE D 134 -34.54 -5.33 -0.37
CA PHE D 134 -35.68 -5.89 0.35
C PHE D 134 -35.90 -5.25 1.74
N LYS D 135 -34.84 -5.08 2.51
CA LYS D 135 -35.01 -4.49 3.83
C LYS D 135 -35.53 -3.08 3.68
N ILE D 136 -34.88 -2.27 2.86
CA ILE D 136 -35.32 -0.89 2.68
C ILE D 136 -36.75 -0.85 2.17
N ARG D 137 -37.00 -1.55 1.08
CA ARG D 137 -38.33 -1.59 0.50
C ARG D 137 -39.33 -1.95 1.58
N LYS D 138 -38.93 -2.86 2.45
CA LYS D 138 -39.82 -3.26 3.54
C LYS D 138 -40.15 -1.97 4.30
N TYR D 139 -39.12 -1.28 4.75
CA TYR D 139 -39.32 -0.05 5.50
C TYR D 139 -40.40 0.83 4.87
N LEU D 140 -40.38 0.99 3.55
CA LEU D 140 -41.38 1.81 2.88
C LEU D 140 -42.69 1.03 2.63
N ASN D 143 -44.49 1.85 6.38
CA ASN D 143 -44.38 3.28 6.80
C ASN D 143 -45.08 4.24 5.85
N TYR D 144 -44.57 4.32 4.62
CA TYR D 144 -45.16 5.19 3.62
C TYR D 144 -46.06 4.38 2.71
N LYS D 145 -46.32 3.14 3.10
CA LYS D 145 -47.16 2.20 2.35
C LYS D 145 -47.30 2.51 0.86
N ILE D 146 -46.21 2.35 0.13
CA ILE D 146 -46.21 2.62 -1.31
C ILE D 146 -47.08 1.64 -2.10
N TYR D 147 -46.48 0.76 -2.89
CA TYR D 147 -47.23 -0.21 -3.72
C TYR D 147 -48.67 -0.45 -3.27
N PRO D 152 -50.01 7.71 -3.85
CA PRO D 152 -49.77 8.98 -4.56
C PRO D 152 -48.46 8.96 -5.29
N TYR D 153 -47.71 7.86 -5.13
CA TYR D 153 -46.40 7.70 -5.77
C TYR D 153 -46.57 6.91 -7.06
N VAL D 154 -46.22 7.53 -8.17
CA VAL D 154 -46.34 6.89 -9.48
C VAL D 154 -45.12 6.05 -9.81
N SER D 155 -43.97 6.42 -9.24
CA SER D 155 -42.71 5.69 -9.46
C SER D 155 -41.59 6.22 -8.56
N GLY D 156 -40.47 5.49 -8.56
CA GLY D 156 -39.34 5.89 -7.75
C GLY D 156 -38.15 4.95 -7.96
N ARG D 157 -37.12 5.10 -7.12
CA ARG D 157 -35.92 4.27 -7.20
C ARG D 157 -34.96 4.55 -6.05
N ILE D 158 -34.15 3.56 -5.72
CA ILE D 158 -33.16 3.67 -4.66
C ILE D 158 -31.78 3.90 -5.29
N GLU D 159 -30.96 4.72 -4.63
CA GLU D 159 -29.61 5.00 -5.12
C GLU D 159 -28.57 4.78 -4.01
N ILE D 160 -27.95 3.59 -3.99
CA ILE D 160 -26.94 3.24 -2.99
C ILE D 160 -25.57 3.84 -3.29
N GLY D 161 -25.16 4.80 -2.47
CA GLY D 161 -23.87 5.45 -2.71
C GLY D 161 -22.65 4.88 -2.01
N THR D 162 -21.65 4.48 -2.79
CA THR D 162 -20.42 3.93 -2.24
C THR D 162 -19.40 5.04 -1.95
N LYS D 163 -18.43 4.77 -1.10
CA LYS D 163 -17.44 5.78 -0.76
C LYS D 163 -16.62 6.26 -1.95
N ASP D 164 -16.54 5.46 -3.02
CA ASP D 164 -15.78 5.88 -4.19
C ASP D 164 -16.74 6.32 -5.29
N GLY D 165 -17.65 7.24 -4.93
CA GLY D 165 -18.63 7.79 -5.86
C GLY D 165 -19.01 6.92 -7.03
N LYS D 166 -19.98 6.04 -6.80
CA LYS D 166 -20.44 5.12 -7.84
C LYS D 166 -21.82 4.64 -7.42
N HIS D 167 -22.76 5.58 -7.35
CA HIS D 167 -24.12 5.27 -6.95
C HIS D 167 -24.72 4.09 -7.73
N GLU D 168 -25.57 3.33 -7.04
CA GLU D 168 -26.25 2.18 -7.64
C GLU D 168 -27.73 2.52 -7.68
N GLN D 169 -28.42 2.07 -8.73
CA GLN D 169 -29.84 2.35 -8.87
C GLN D 169 -30.71 1.11 -8.73
N ILE D 170 -31.92 1.33 -8.22
CA ILE D 170 -32.88 0.26 -8.05
C ILE D 170 -34.27 0.81 -8.31
N ASP D 171 -34.93 0.25 -9.31
CA ASP D 171 -36.27 0.68 -9.71
C ASP D 171 -37.32 0.17 -8.71
N LEU D 172 -37.89 1.07 -7.91
CA LEU D 172 -38.90 0.64 -6.95
C LEU D 172 -40.22 0.20 -7.57
N PHE D 173 -40.54 0.72 -8.75
CA PHE D 173 -41.82 0.38 -9.39
C PHE D 173 -41.70 -0.32 -10.74
N ASP D 174 -41.66 -1.64 -10.72
CA ASP D 174 -41.56 -2.42 -11.95
C ASP D 174 -41.97 -3.86 -11.72
N SER D 175 -42.02 -4.61 -12.82
CA SER D 175 -42.39 -6.01 -12.77
C SER D 175 -42.41 -6.64 -14.16
N PRO D 176 -41.35 -7.38 -14.53
CA PRO D 176 -41.32 -8.02 -15.84
C PRO D 176 -42.60 -8.84 -15.97
N ASN D 177 -43.43 -8.47 -16.95
CA ASN D 177 -44.72 -9.09 -17.20
C ASN D 177 -44.96 -10.48 -16.63
N GLU D 178 -46.19 -10.70 -16.19
CA GLU D 178 -46.60 -11.94 -15.57
C GLU D 178 -45.94 -11.87 -14.19
N GLY D 179 -45.50 -10.66 -13.87
CA GLY D 179 -44.83 -10.33 -12.63
C GLY D 179 -44.71 -11.29 -11.47
N THR D 180 -44.59 -12.58 -11.75
CA THR D 180 -44.44 -13.56 -10.68
C THR D 180 -43.24 -13.17 -9.85
N ARG D 181 -43.12 -13.76 -8.66
CA ARG D 181 -41.96 -13.47 -7.80
C ARG D 181 -40.72 -13.92 -8.58
N SER D 182 -40.92 -14.91 -9.45
CA SER D 182 -39.88 -15.46 -10.28
C SER D 182 -39.48 -14.48 -11.38
N ASP D 183 -40.37 -13.58 -11.73
CA ASP D 183 -40.07 -12.59 -12.76
C ASP D 183 -39.38 -11.35 -12.23
N ILE D 184 -39.75 -10.93 -11.03
CA ILE D 184 -39.17 -9.74 -10.43
C ILE D 184 -37.87 -10.02 -9.68
N PHE D 185 -37.81 -11.17 -9.01
CA PHE D 185 -36.63 -11.48 -8.25
C PHE D 185 -35.42 -11.93 -9.10
N ALA D 186 -35.63 -12.18 -10.39
CA ALA D 186 -34.53 -12.62 -11.28
C ALA D 186 -33.35 -11.65 -11.28
N LYS D 187 -33.62 -10.38 -11.01
CA LYS D 187 -32.58 -9.35 -10.96
C LYS D 187 -31.55 -9.67 -9.86
N TYR D 188 -31.88 -10.66 -9.03
CA TYR D 188 -31.02 -11.08 -7.94
C TYR D 188 -30.26 -12.34 -8.34
N LYS D 189 -30.14 -12.57 -9.66
CA LYS D 189 -29.46 -13.75 -10.19
C LYS D 189 -27.96 -13.56 -10.36
N ASP D 190 -27.52 -12.30 -10.39
CA ASP D 190 -26.11 -11.98 -10.57
C ASP D 190 -25.39 -11.97 -9.24
N ASN D 191 -26.16 -12.20 -8.19
CA ASN D 191 -25.61 -12.25 -6.83
C ASN D 191 -24.71 -11.07 -6.50
N ARG D 192 -25.16 -9.87 -6.86
CA ARG D 192 -24.35 -8.69 -6.58
C ARG D 192 -24.29 -8.40 -5.08
N ILE D 193 -23.11 -8.04 -4.61
CA ILE D 193 -22.90 -7.76 -3.18
C ILE D 193 -22.07 -6.49 -2.96
N ILE D 194 -22.07 -6.00 -1.70
CA ILE D 194 -21.35 -4.79 -1.29
C ILE D 194 -20.67 -4.98 0.05
N ASN D 195 -19.39 -4.60 0.19
CA ASN D 195 -18.67 -4.71 1.47
C ASN D 195 -19.15 -3.41 2.12
N MET D 196 -19.49 -3.42 3.40
CA MET D 196 -19.97 -2.20 4.04
C MET D 196 -18.93 -1.11 4.00
N LYS D 197 -17.65 -1.46 4.06
CA LYS D 197 -16.60 -0.45 4.06
C LYS D 197 -16.77 0.49 2.87
N ASN D 198 -17.29 -0.03 1.77
CA ASN D 198 -17.49 0.85 0.64
C ASN D 198 -18.95 1.15 0.45
N PHE D 199 -19.63 1.30 1.59
CA PHE D 199 -21.04 1.64 1.62
C PHE D 199 -21.12 2.91 2.42
N SER D 200 -21.73 3.95 1.85
CA SER D 200 -21.86 5.21 2.54
C SER D 200 -23.26 5.42 3.02
N HIS D 201 -24.17 5.67 2.09
CA HIS D 201 -25.56 5.95 2.43
C HIS D 201 -26.45 5.55 1.28
N PHE D 202 -27.76 5.68 1.50
CA PHE D 202 -28.73 5.40 0.46
C PHE D 202 -29.72 6.58 0.40
N ASP D 203 -30.24 6.83 -0.80
CA ASP D 203 -31.18 7.91 -0.99
C ASP D 203 -32.41 7.34 -1.68
N ILE D 204 -33.59 7.58 -1.12
CA ILE D 204 -34.80 7.06 -1.75
C ILE D 204 -35.54 8.18 -2.47
N TYR D 205 -35.70 8.06 -3.78
CA TYR D 205 -36.43 9.08 -4.51
C TYR D 205 -37.82 8.58 -4.89
N LEU D 206 -38.83 9.25 -4.37
CA LEU D 206 -40.22 8.94 -4.66
C LEU D 206 -40.80 10.11 -5.46
N GLU D 207 -41.52 9.79 -6.52
CA GLU D 207 -42.14 10.82 -7.37
C GLU D 207 -43.65 10.60 -7.45
N LYS D 208 -44.41 11.59 -6.97
CA LYS D 208 -45.86 11.55 -6.95
C LYS D 208 -46.44 12.10 -8.26
N GLY E 1 12.94 15.78 -15.53
CA GLY E 1 13.97 14.72 -15.66
C GLY E 1 14.70 14.74 -16.99
N ALA E 2 15.36 13.62 -17.33
CA ALA E 2 16.12 13.54 -18.57
C ALA E 2 15.71 12.49 -19.61
N VAL E 3 16.72 11.94 -20.30
CA VAL E 3 16.57 10.95 -21.36
C VAL E 3 16.46 9.52 -20.84
N VAL E 4 16.02 8.61 -21.71
CA VAL E 4 15.90 7.17 -21.41
C VAL E 4 16.57 6.49 -22.61
N SER E 5 16.88 5.21 -22.50
CA SER E 5 17.54 4.54 -23.60
C SER E 5 16.95 3.21 -24.03
N GLN E 6 17.56 2.63 -25.05
CA GLN E 6 17.14 1.33 -25.54
C GLN E 6 18.47 0.57 -25.76
N HIS E 7 18.89 -0.27 -24.82
CA HIS E 7 20.14 -0.96 -25.01
C HIS E 7 20.24 -2.42 -25.44
N PRO E 8 20.08 -2.61 -26.77
CA PRO E 8 20.16 -3.58 -27.89
C PRO E 8 19.57 -2.64 -29.00
N SER E 9 20.36 -1.66 -29.39
CA SER E 9 19.92 -0.72 -30.43
C SER E 9 19.88 -1.46 -31.76
N ARG E 10 20.44 -2.66 -31.79
CA ARG E 10 20.43 -3.47 -33.02
C ARG E 10 21.26 -4.76 -32.98
N VAL E 11 21.34 -5.37 -34.15
CA VAL E 11 22.11 -6.58 -34.48
C VAL E 11 21.43 -7.95 -34.59
N ILE E 12 21.63 -8.46 -35.80
CA ILE E 12 21.19 -9.73 -36.37
C ILE E 12 21.02 -10.96 -35.49
N ALA E 13 19.97 -11.63 -35.79
CA ALA E 13 19.54 -12.89 -35.11
C ALA E 13 19.01 -13.89 -36.13
N LYS E 14 19.01 -15.14 -35.82
CA LYS E 14 18.53 -16.15 -36.75
C LYS E 14 17.03 -16.27 -36.72
N SER E 15 16.50 -17.00 -37.70
CA SER E 15 15.07 -17.20 -37.76
C SER E 15 14.64 -18.22 -36.72
N GLY E 16 14.06 -17.71 -35.64
CA GLY E 16 13.60 -18.59 -34.58
C GLY E 16 14.30 -18.35 -33.27
N THR E 17 14.60 -17.10 -32.99
CA THR E 17 15.26 -16.74 -31.76
C THR E 17 14.53 -15.55 -31.19
N SER E 18 14.09 -15.65 -29.93
CA SER E 18 13.38 -14.55 -29.30
C SER E 18 14.37 -13.43 -29.06
N VAL E 19 14.06 -12.25 -29.58
CA VAL E 19 15.00 -11.15 -29.43
C VAL E 19 14.90 -10.39 -28.12
N LYS E 20 16.08 -10.03 -27.64
CA LYS E 20 16.29 -9.32 -26.38
C LYS E 20 16.39 -7.81 -26.56
N ILE E 21 15.40 -7.07 -26.04
CA ILE E 21 15.38 -5.62 -26.16
C ILE E 21 14.99 -5.00 -24.80
N GLU E 22 15.85 -4.14 -24.26
CA GLU E 22 15.59 -3.50 -22.98
C GLU E 22 15.45 -2.00 -23.15
N CYS E 23 14.67 -1.38 -22.28
CA CYS E 23 14.47 0.07 -22.29
C CYS E 23 15.12 0.56 -20.99
N ARG E 24 16.32 1.14 -21.11
CA ARG E 24 17.09 1.63 -19.96
C ARG E 24 17.02 3.11 -19.61
N SER E 25 16.45 3.46 -18.47
CA SER E 25 16.38 4.85 -18.04
C SER E 25 17.47 5.21 -17.01
N LEU E 26 17.74 6.51 -16.86
CA LEU E 26 18.73 6.98 -15.89
C LEU E 26 18.04 8.06 -15.06
N ASP E 27 18.16 7.97 -13.74
CA ASP E 27 17.55 8.94 -12.81
C ASP E 27 16.65 9.95 -13.52
N PHE E 28 15.36 9.64 -13.50
CA PHE E 28 14.33 10.45 -14.12
C PHE E 28 13.03 10.20 -13.33
N GLN E 29 12.83 8.94 -12.92
CA GLN E 29 11.65 8.56 -12.14
C GLN E 29 10.46 8.08 -12.98
N ALA E 30 10.74 7.42 -14.10
CA ALA E 30 9.72 6.88 -14.99
C ALA E 30 8.64 6.18 -14.18
N THR E 31 7.48 5.98 -14.79
CA THR E 31 6.38 5.36 -14.07
C THR E 31 5.26 4.81 -14.94
N THR E 32 5.61 4.32 -16.12
CA THR E 32 4.64 3.75 -17.07
C THR E 32 5.44 3.66 -18.34
N MET E 33 5.29 2.55 -19.04
CA MET E 33 6.06 2.39 -20.25
C MET E 33 5.31 1.82 -21.41
N PHE E 34 5.64 2.32 -22.59
CA PHE E 34 4.98 1.88 -23.81
C PHE E 34 5.98 1.26 -24.78
N TRP E 35 5.55 0.25 -25.52
CA TRP E 35 6.41 -0.38 -26.51
C TRP E 35 5.81 -0.30 -27.92
N TYR E 36 6.27 0.68 -28.70
CA TYR E 36 5.76 0.93 -30.08
C TYR E 36 6.48 0.20 -31.21
N ARG E 37 5.75 -0.05 -32.30
CA ARG E 37 6.34 -0.69 -33.49
C ARG E 37 6.36 0.30 -34.65
N GLN E 38 7.32 0.13 -35.57
CA GLN E 38 7.46 1.04 -36.69
C GLN E 38 8.09 0.50 -37.97
N PHE E 39 7.56 -0.61 -38.48
CA PHE E 39 8.02 -1.23 -39.73
C PHE E 39 7.90 -0.10 -40.78
N PRO E 40 8.99 0.23 -41.50
CA PRO E 40 9.08 1.28 -42.51
C PRO E 40 7.87 2.23 -42.76
N LYS E 41 8.07 3.50 -42.38
CA LYS E 41 7.08 4.59 -42.50
C LYS E 41 5.75 4.38 -41.76
N GLN E 42 4.97 5.46 -41.64
CA GLN E 42 3.66 5.48 -40.99
C GLN E 42 3.76 5.90 -39.52
N SER E 43 4.90 5.55 -38.91
CA SER E 43 5.25 5.83 -37.52
C SER E 43 4.31 5.62 -36.33
N LEU E 44 4.68 4.62 -35.53
CA LEU E 44 4.05 4.25 -34.28
C LEU E 44 2.83 3.37 -34.17
N MET E 45 3.05 2.07 -34.32
CA MET E 45 1.98 1.12 -34.16
C MET E 45 2.22 0.41 -32.83
N LEU E 46 1.57 0.94 -31.79
CA LEU E 46 1.66 0.43 -30.42
C LEU E 46 1.54 -1.10 -30.37
N MET E 47 2.18 -1.70 -29.37
CA MET E 47 2.14 -3.15 -29.23
C MET E 47 1.71 -3.53 -27.83
N ALA E 48 2.26 -2.82 -26.84
CA ALA E 48 1.92 -3.08 -25.45
C ALA E 48 2.38 -1.92 -24.58
N THR E 49 1.83 -1.86 -23.37
CA THR E 49 2.18 -0.80 -22.43
C THR E 49 2.30 -1.39 -21.03
N SER E 50 2.98 -0.64 -20.15
CA SER E 50 3.11 -1.05 -18.77
C SER E 50 2.32 0.03 -18.02
N ALA E 51 1.20 -0.36 -17.41
CA ALA E 51 0.34 0.56 -16.69
C ALA E 51 1.08 1.34 -15.61
N GLU E 52 0.39 2.29 -14.98
CA GLU E 52 0.98 3.16 -13.96
C GLU E 52 2.08 2.49 -13.15
N GLY E 53 3.28 2.51 -13.72
CA GLY E 53 4.41 1.89 -13.07
C GLY E 53 4.33 0.41 -13.39
N SER E 54 3.20 -0.19 -13.05
CA SER E 54 3.02 -1.60 -13.31
C SER E 54 1.87 -2.24 -12.57
N LYS E 55 0.91 -1.45 -12.08
CA LYS E 55 -0.17 -2.10 -11.37
C LYS E 55 -0.47 -3.32 -12.23
N ALA E 56 -0.44 -3.15 -13.54
CA ALA E 56 -0.71 -4.26 -14.44
C ALA E 56 -0.12 -4.05 -15.82
N THR E 57 -0.88 -4.42 -16.84
CA THR E 57 -0.43 -4.29 -18.22
C THR E 57 -1.30 -5.07 -19.21
N TYR E 58 -1.25 -4.65 -20.45
CA TYR E 58 -1.93 -5.36 -21.51
C TYR E 58 -1.27 -5.03 -22.83
N GLU E 59 -1.63 -5.83 -23.82
CA GLU E 59 -1.08 -5.66 -25.13
C GLU E 59 -2.24 -5.30 -26.08
N GLN E 60 -1.99 -4.24 -26.86
CA GLN E 60 -2.98 -3.63 -27.75
C GLN E 60 -3.61 -4.37 -28.92
N GLY E 61 -4.46 -3.62 -29.63
CA GLY E 61 -5.18 -4.15 -30.77
C GLY E 61 -5.83 -5.43 -30.31
N VAL E 62 -5.36 -6.55 -30.85
CA VAL E 62 -5.89 -7.83 -30.45
C VAL E 62 -5.36 -9.05 -31.19
N GLU E 63 -4.09 -9.37 -30.93
CA GLU E 63 -3.47 -10.57 -31.49
C GLU E 63 -2.01 -10.89 -31.16
N LYS E 64 -1.89 -12.10 -30.60
CA LYS E 64 -0.65 -12.73 -30.17
C LYS E 64 0.34 -11.86 -29.40
N ASP E 65 0.08 -11.82 -28.10
CA ASP E 65 0.88 -11.07 -27.16
C ASP E 65 2.29 -11.61 -27.20
N LYS E 66 2.50 -12.59 -28.06
CA LYS E 66 3.81 -13.21 -28.26
C LYS E 66 4.78 -12.13 -28.73
N PHE E 67 4.94 -11.20 -27.82
CA PHE E 67 5.78 -10.03 -27.89
C PHE E 67 5.68 -9.83 -26.40
N LEU E 68 6.46 -10.59 -25.64
CA LEU E 68 6.41 -10.48 -24.19
C LEU E 68 7.00 -9.17 -23.72
N ILE E 69 6.47 -8.64 -22.62
CA ILE E 69 6.97 -7.40 -22.05
C ILE E 69 6.96 -7.53 -20.54
N ASN E 70 7.86 -6.83 -19.86
CA ASN E 70 7.85 -6.93 -18.43
C ASN E 70 8.53 -5.77 -17.73
N HIS E 71 7.79 -5.09 -16.87
CA HIS E 71 8.36 -3.98 -16.14
C HIS E 71 8.90 -4.53 -14.80
N ALA E 72 10.18 -4.26 -14.48
CA ALA E 72 10.79 -4.78 -13.26
C ALA E 72 11.37 -3.74 -12.33
N SER E 73 11.58 -2.56 -12.88
CA SER E 73 12.17 -1.49 -12.09
C SER E 73 11.82 -0.17 -12.76
N LEU E 74 11.75 0.90 -11.99
CA LEU E 74 11.45 2.21 -12.52
C LEU E 74 12.51 2.52 -13.54
N THR E 75 13.50 1.64 -13.67
CA THR E 75 14.60 1.84 -14.59
C THR E 75 14.77 0.79 -15.71
N LEU E 76 14.01 -0.30 -15.63
CA LEU E 76 14.14 -1.33 -16.64
C LEU E 76 12.80 -1.86 -17.16
N SER E 77 12.79 -2.14 -18.46
CA SER E 77 11.61 -2.65 -19.14
C SER E 77 12.07 -3.35 -20.42
N THR E 78 11.44 -4.45 -20.79
CA THR E 78 11.86 -5.13 -22.00
C THR E 78 10.76 -5.67 -22.89
N LEU E 79 11.07 -5.73 -24.18
CA LEU E 79 10.16 -6.31 -25.17
C LEU E 79 10.99 -7.46 -25.68
N THR E 80 10.38 -8.62 -25.74
CA THR E 80 11.02 -9.83 -26.22
C THR E 80 9.98 -10.37 -27.21
N VAL E 81 10.27 -10.18 -28.51
CA VAL E 81 9.36 -10.58 -29.58
C VAL E 81 8.86 -12.03 -29.46
N THR E 82 9.49 -12.94 -30.19
CA THR E 82 9.13 -14.36 -30.17
C THR E 82 10.20 -15.03 -30.98
N SER E 83 9.78 -15.71 -32.04
CA SER E 83 10.71 -16.37 -32.92
C SER E 83 11.61 -15.27 -33.51
N ALA E 84 11.73 -15.27 -34.82
CA ALA E 84 12.56 -14.30 -35.51
C ALA E 84 12.59 -14.69 -36.97
N HIS E 85 11.72 -14.09 -37.78
CA HIS E 85 11.71 -14.40 -39.21
C HIS E 85 11.44 -13.12 -39.97
N PRO E 86 11.96 -13.04 -41.20
CA PRO E 86 11.75 -11.82 -42.00
C PRO E 86 10.39 -11.19 -41.69
N GLU E 87 9.36 -12.02 -41.53
CA GLU E 87 8.01 -11.55 -41.24
C GLU E 87 8.10 -10.28 -40.39
N ASP E 88 8.99 -10.33 -39.41
CA ASP E 88 9.23 -9.23 -38.48
C ASP E 88 10.24 -8.24 -39.08
N SER E 89 11.33 -7.98 -38.37
CA SER E 89 12.36 -7.06 -38.83
C SER E 89 11.86 -5.63 -38.97
N SER E 90 11.44 -5.03 -37.86
CA SER E 90 10.94 -3.65 -37.85
C SER E 90 11.77 -2.74 -36.95
N PHE E 91 11.17 -1.67 -36.47
CA PHE E 91 11.81 -0.71 -35.57
C PHE E 91 10.96 -0.67 -34.30
N TYR E 92 11.52 -1.18 -33.21
CA TYR E 92 10.79 -1.20 -31.94
C TYR E 92 11.34 -0.07 -31.11
N ILE E 93 10.44 0.66 -30.42
CA ILE E 93 10.84 1.80 -29.58
C ILE E 93 9.95 1.91 -28.33
N CYS E 94 10.49 2.47 -27.24
CA CYS E 94 9.76 2.63 -25.97
C CYS E 94 9.45 4.07 -25.57
N SER E 95 9.13 4.28 -24.29
CA SER E 95 8.78 5.63 -23.76
C SER E 95 8.28 5.61 -22.30
N ALA E 96 8.62 6.66 -21.55
CA ALA E 96 8.25 6.75 -20.13
C ALA E 96 7.02 7.63 -19.80
N LEU E 97 7.08 8.34 -18.67
CA LEU E 97 5.98 9.21 -18.25
C LEU E 97 6.14 9.87 -16.87
N ALA E 98 5.31 10.88 -16.63
CA ALA E 98 5.30 11.63 -15.38
C ALA E 98 3.84 11.87 -15.01
N GLY E 99 3.56 12.12 -13.73
CA GLY E 99 2.19 12.33 -13.29
C GLY E 99 1.86 11.40 -12.14
N SER E 100 1.29 10.23 -12.46
CA SER E 100 0.91 9.18 -11.50
C SER E 100 -0.54 8.73 -11.69
N GLY E 101 -0.76 7.41 -11.62
CA GLY E 101 -2.08 6.82 -11.79
C GLY E 101 -3.14 7.85 -12.10
N SER E 102 -3.06 8.43 -13.31
CA SER E 102 -3.96 9.49 -13.72
C SER E 102 -4.68 9.28 -15.05
N SER E 103 -4.85 10.39 -15.80
CA SER E 103 -5.53 10.34 -17.10
C SER E 103 -5.48 11.67 -17.89
N THR E 104 -4.30 12.20 -18.22
CA THR E 104 -4.31 13.46 -18.97
C THR E 104 -3.29 13.84 -20.06
N ASP E 105 -2.13 13.18 -20.16
CA ASP E 105 -1.16 13.48 -21.26
C ASP E 105 0.22 12.81 -21.22
N THR E 106 0.62 12.30 -22.39
CA THR E 106 1.89 11.56 -22.60
C THR E 106 3.21 12.33 -22.55
N GLN E 107 4.29 11.65 -22.15
CA GLN E 107 5.62 12.28 -22.03
C GLN E 107 6.88 11.44 -22.29
N TYR E 108 7.51 11.66 -23.46
CA TYR E 108 8.79 11.02 -23.85
C TYR E 108 8.95 9.95 -24.94
N PHE E 109 10.21 9.69 -25.31
CA PHE E 109 10.58 8.71 -26.34
C PHE E 109 12.03 8.20 -26.27
N GLY E 110 12.31 7.15 -27.05
CA GLY E 110 13.65 6.58 -27.10
C GLY E 110 14.12 6.21 -28.53
N PRO E 111 15.42 6.00 -28.75
CA PRO E 111 16.12 5.65 -29.99
C PRO E 111 15.60 4.56 -30.92
N GLY E 112 14.56 3.84 -30.52
CA GLY E 112 14.07 2.76 -31.36
C GLY E 112 15.23 1.81 -31.62
N THR E 113 14.93 0.62 -32.14
CA THR E 113 15.99 -0.35 -32.39
C THR E 113 15.74 -1.15 -33.66
N ARG E 114 16.81 -1.43 -34.38
CA ARG E 114 16.73 -2.17 -35.64
C ARG E 114 16.75 -3.69 -35.49
N LEU E 115 15.69 -4.36 -35.90
CA LEU E 115 15.61 -5.80 -35.84
C LEU E 115 15.63 -6.42 -37.22
N THR E 116 16.54 -7.36 -37.44
CA THR E 116 16.68 -8.04 -38.73
C THR E 116 16.66 -9.55 -38.50
N VAL E 117 16.15 -10.30 -39.47
CA VAL E 117 16.06 -11.75 -39.31
C VAL E 117 16.38 -12.53 -40.59
N LEU E 118 17.66 -12.62 -40.89
CA LEU E 118 18.11 -13.34 -42.08
C LEU E 118 18.23 -14.84 -41.79
N GLU E 119 18.56 -15.58 -42.84
CA GLU E 119 18.79 -17.02 -42.79
C GLU E 119 19.48 -17.29 -44.13
N ASP E 120 20.15 -18.44 -44.27
CA ASP E 120 20.84 -18.73 -45.52
C ASP E 120 21.73 -17.51 -45.72
N LEU E 121 22.32 -17.07 -44.62
CA LEU E 121 23.20 -15.92 -44.52
C LEU E 121 23.75 -15.24 -45.79
N LYS E 122 24.94 -15.65 -46.21
CA LYS E 122 25.58 -15.07 -47.37
C LYS E 122 25.54 -13.55 -47.25
N ASN E 123 25.95 -13.05 -46.08
CA ASN E 123 25.99 -11.61 -45.77
C ASN E 123 26.89 -10.83 -46.72
N PHE E 124 27.91 -10.22 -46.12
CA PHE E 124 28.94 -9.43 -46.78
C PHE E 124 29.19 -8.06 -46.21
N PRO E 125 30.48 -7.72 -46.01
CA PRO E 125 30.93 -6.44 -45.47
C PRO E 125 30.86 -5.36 -46.55
N PRO E 126 31.18 -4.11 -46.20
CA PRO E 126 31.15 -2.98 -47.14
C PRO E 126 32.49 -2.40 -47.58
N GLU E 127 32.79 -2.41 -48.87
CA GLU E 127 34.03 -1.79 -49.31
C GLU E 127 33.70 -0.31 -49.40
N VAL E 128 34.66 0.53 -49.02
CA VAL E 128 34.46 1.97 -49.00
C VAL E 128 35.58 2.72 -49.69
N ALA E 129 35.29 3.92 -50.16
CA ALA E 129 36.29 4.73 -50.84
C ALA E 129 35.91 6.20 -50.76
N VAL E 130 36.87 7.07 -51.03
CA VAL E 130 36.59 8.51 -51.02
C VAL E 130 37.01 9.09 -52.34
N PHE E 131 36.22 10.03 -52.84
CA PHE E 131 36.54 10.67 -54.10
C PHE E 131 36.98 12.08 -53.80
N GLU E 132 37.91 12.60 -54.59
CA GLU E 132 38.40 13.95 -54.38
C GLU E 132 37.53 14.93 -55.18
N PRO E 133 37.47 16.21 -54.75
CA PRO E 133 36.66 17.18 -55.48
C PRO E 133 37.16 17.47 -56.89
N SER E 134 36.32 18.12 -57.69
CA SER E 134 36.67 18.42 -59.07
C SER E 134 37.44 19.72 -59.27
N GLU E 135 37.52 20.13 -60.54
CA GLU E 135 38.20 21.36 -60.92
C GLU E 135 37.08 22.27 -61.37
N ALA E 136 35.93 21.67 -61.64
CA ALA E 136 34.74 22.41 -62.06
C ALA E 136 34.08 23.06 -60.85
N GLU E 137 33.87 22.30 -59.78
CA GLU E 137 33.25 22.86 -58.59
C GLU E 137 34.19 23.85 -57.93
N ILE E 138 35.46 23.45 -57.80
CA ILE E 138 36.42 24.37 -57.21
C ILE E 138 36.41 25.69 -58.00
N SER E 139 36.00 25.61 -59.27
CA SER E 139 35.93 26.77 -60.16
C SER E 139 34.48 27.07 -60.56
N HIS E 140 33.89 28.04 -59.86
CA HIS E 140 32.50 28.50 -60.03
C HIS E 140 31.79 27.95 -58.81
N THR E 141 32.45 28.07 -57.66
CA THR E 141 31.90 27.57 -56.40
C THR E 141 32.93 27.73 -55.29
N GLN E 142 34.20 27.52 -55.61
CA GLN E 142 35.27 27.63 -54.63
C GLN E 142 35.06 26.82 -53.37
N LYS E 143 34.24 25.77 -53.47
CA LYS E 143 33.99 24.85 -52.35
C LYS E 143 34.46 23.46 -52.77
N ALA E 144 34.74 22.61 -51.80
CA ALA E 144 35.25 21.29 -52.12
C ALA E 144 34.43 20.14 -51.55
N THR E 145 33.37 19.72 -52.22
CA THR E 145 32.64 18.62 -51.64
C THR E 145 33.34 17.31 -51.96
N LEU E 146 33.47 16.46 -50.93
CA LEU E 146 34.10 15.13 -51.06
C LEU E 146 32.97 14.13 -50.90
N VAL E 147 33.11 12.97 -51.53
CA VAL E 147 32.07 11.96 -51.43
C VAL E 147 32.56 10.62 -50.87
N CYS E 148 31.65 9.89 -50.22
CA CYS E 148 32.01 8.60 -49.67
C CYS E 148 30.97 7.66 -50.21
N LEU E 149 31.38 6.44 -50.52
CA LEU E 149 30.46 5.44 -51.07
C LEU E 149 30.69 4.15 -50.31
N ALA E 150 29.60 3.56 -49.83
CA ALA E 150 29.67 2.29 -49.14
C ALA E 150 28.94 1.37 -50.11
N THR E 151 29.40 0.13 -50.30
CA THR E 151 28.72 -0.75 -51.24
C THR E 151 28.93 -2.22 -50.94
N GLY E 152 28.06 -3.07 -51.49
CA GLY E 152 28.20 -4.50 -51.30
C GLY E 152 27.65 -5.09 -50.01
N PHE E 153 27.78 -4.34 -48.91
CA PHE E 153 27.30 -4.75 -47.59
C PHE E 153 25.81 -5.02 -47.52
N TYR E 154 25.42 -6.13 -46.90
CA TYR E 154 24.00 -6.43 -46.81
C TYR E 154 23.28 -5.85 -45.58
N PRO E 155 23.10 -6.65 -44.49
CA PRO E 155 22.40 -6.09 -43.33
C PRO E 155 22.50 -4.55 -43.22
N ASP E 156 21.50 -3.87 -43.81
CA ASP E 156 21.40 -2.43 -43.80
C ASP E 156 21.61 -1.86 -42.40
N HIS E 157 22.84 -1.92 -41.93
CA HIS E 157 23.20 -1.40 -40.61
C HIS E 157 24.64 -0.98 -40.77
N VAL E 158 24.85 0.33 -40.88
CA VAL E 158 26.18 0.88 -41.04
C VAL E 158 26.10 2.31 -40.51
N GLU E 159 27.23 2.95 -40.26
CA GLU E 159 27.19 4.32 -39.79
C GLU E 159 28.21 5.23 -40.49
N LEU E 160 27.81 6.48 -40.67
CA LEU E 160 28.56 7.53 -41.37
C LEU E 160 29.69 8.27 -40.62
N SER E 161 29.54 9.59 -40.61
CA SER E 161 30.45 10.56 -39.99
C SER E 161 31.85 10.61 -40.59
N TRP E 162 32.19 11.77 -41.16
CA TRP E 162 33.48 12.01 -41.79
C TRP E 162 34.57 12.24 -40.76
N TRP E 163 35.78 12.49 -41.26
CA TRP E 163 36.93 12.74 -40.39
C TRP E 163 37.84 13.80 -40.99
N VAL E 164 37.89 14.98 -40.35
CA VAL E 164 38.74 16.06 -40.82
C VAL E 164 39.91 16.25 -39.86
N ASN E 165 41.10 15.86 -40.33
CA ASN E 165 42.33 15.96 -39.56
C ASN E 165 42.31 15.20 -38.26
N GLY E 166 42.32 13.88 -38.38
CA GLY E 166 42.35 13.03 -37.23
C GLY E 166 41.11 12.84 -36.37
N LYS E 167 40.48 13.92 -35.91
CA LYS E 167 39.34 13.78 -35.01
C LYS E 167 37.95 14.30 -35.36
N GLU E 168 36.97 13.66 -34.71
CA GLU E 168 35.53 13.93 -34.79
C GLU E 168 35.04 15.19 -35.52
N VAL E 169 34.24 14.99 -36.55
CA VAL E 169 33.70 16.08 -37.37
C VAL E 169 32.28 15.81 -37.83
N HIS E 170 31.52 16.88 -38.05
CA HIS E 170 30.14 16.77 -38.51
C HIS E 170 29.54 18.15 -38.83
N SER E 171 29.92 18.70 -39.98
CA SER E 171 29.42 19.99 -40.44
C SER E 171 29.65 20.10 -41.94
N GLY E 172 28.62 20.50 -42.67
CA GLY E 172 28.73 20.62 -44.10
C GLY E 172 28.54 19.25 -44.71
N VAL E 173 28.39 18.25 -43.84
CA VAL E 173 28.23 16.87 -44.28
C VAL E 173 26.77 16.49 -44.52
N SER E 174 26.56 15.58 -45.47
CA SER E 174 25.23 15.12 -45.79
C SER E 174 25.31 13.64 -46.18
N THR E 175 24.45 12.82 -45.59
CA THR E 175 24.46 11.41 -45.91
C THR E 175 23.02 11.01 -46.20
N ASP E 176 22.83 10.02 -47.03
CA ASP E 176 21.48 9.60 -47.37
C ASP E 176 20.64 9.22 -46.17
N PRO E 177 19.35 9.55 -46.19
CA PRO E 177 18.44 9.22 -45.09
C PRO E 177 18.49 7.73 -44.76
N GLN E 178 19.07 6.97 -45.67
CA GLN E 178 19.20 5.53 -45.50
C GLN E 178 19.79 4.89 -46.75
N PRO E 179 20.44 3.73 -46.60
CA PRO E 179 21.06 2.99 -47.70
C PRO E 179 20.09 2.41 -48.69
N LEU E 180 20.38 2.57 -49.99
CA LEU E 180 19.53 2.06 -51.06
C LEU E 180 20.09 0.79 -51.64
N LYS E 181 19.22 -0.08 -52.14
CA LYS E 181 19.62 -1.34 -52.75
C LYS E 181 20.22 -1.15 -54.14
N GLU E 182 21.42 -1.70 -54.34
CA GLU E 182 22.08 -1.63 -55.64
C GLU E 182 21.12 -2.13 -56.72
N GLN E 183 20.62 -3.34 -56.57
CA GLN E 183 19.65 -3.89 -57.49
C GLN E 183 18.32 -3.77 -56.78
N PRO E 184 17.58 -2.67 -57.05
CA PRO E 184 16.28 -2.36 -56.45
C PRO E 184 15.16 -3.40 -56.52
N ALA E 185 14.52 -3.58 -55.37
CA ALA E 185 13.39 -4.47 -55.20
C ALA E 185 13.40 -5.87 -55.81
N LEU E 186 14.14 -6.75 -55.17
CA LEU E 186 14.24 -8.16 -55.52
C LEU E 186 14.80 -8.66 -54.20
N ASN E 187 15.86 -9.45 -54.24
CA ASN E 187 16.44 -9.89 -52.97
C ASN E 187 17.94 -10.09 -53.14
N ASP E 188 18.61 -10.52 -52.06
CA ASP E 188 20.06 -10.66 -52.10
C ASP E 188 20.58 -9.25 -52.29
N SER E 189 19.67 -8.37 -52.70
CA SER E 189 19.96 -6.96 -52.93
C SER E 189 20.95 -6.42 -51.90
N ARG E 190 22.19 -6.27 -52.31
CA ARG E 190 23.21 -5.75 -51.42
C ARG E 190 22.89 -4.27 -51.26
N TYR E 191 23.57 -3.59 -50.32
CA TYR E 191 23.27 -2.18 -50.14
C TYR E 191 24.39 -1.23 -50.42
N ALA E 192 24.01 0.02 -50.62
CA ALA E 192 24.97 1.08 -50.91
C ALA E 192 24.54 2.24 -50.03
N LEU E 193 25.40 3.23 -49.90
CA LEU E 193 25.10 4.40 -49.07
C LEU E 193 26.02 5.50 -49.59
N SER E 194 25.81 6.75 -49.19
CA SER E 194 26.71 7.81 -49.65
C SER E 194 26.59 9.11 -48.86
N SER E 195 27.68 9.85 -48.81
CA SER E 195 27.70 11.10 -48.06
C SER E 195 28.60 12.14 -48.72
N ARG E 196 28.34 13.40 -48.39
CA ARG E 196 29.10 14.51 -48.94
C ARG E 196 29.65 15.32 -47.72
N LEU E 197 30.83 15.92 -47.87
CA LEU E 197 31.40 16.72 -46.79
C LEU E 197 31.51 18.19 -47.17
N ARG E 198 32.14 18.47 -48.30
CA ARG E 198 32.25 19.85 -48.82
C ARG E 198 32.79 20.94 -47.93
N VAL E 199 34.00 21.37 -48.23
CA VAL E 199 34.68 22.39 -47.47
C VAL E 199 35.18 23.50 -48.39
N SER E 200 36.25 24.20 -48.00
CA SER E 200 36.76 25.28 -48.83
C SER E 200 37.81 24.82 -49.81
N ALA E 201 37.96 25.56 -50.90
CA ALA E 201 38.96 25.26 -51.92
C ALA E 201 40.24 25.34 -51.13
N THR E 202 40.47 26.50 -50.51
CA THR E 202 41.62 26.67 -49.65
C THR E 202 41.25 25.68 -48.55
N PHE E 203 42.24 25.01 -47.97
CA PHE E 203 41.96 24.02 -46.92
C PHE E 203 41.79 22.67 -47.60
N TRP E 204 41.44 22.69 -48.90
CA TRP E 204 41.37 21.44 -49.64
C TRP E 204 42.72 21.47 -50.33
N GLN E 205 43.07 22.67 -50.81
CA GLN E 205 44.34 22.90 -51.49
C GLN E 205 45.40 23.21 -50.43
N ASN E 206 45.52 22.32 -49.44
CA ASN E 206 46.47 22.45 -48.35
C ASN E 206 46.79 21.06 -47.78
N PRO E 207 47.79 20.36 -48.36
CA PRO E 207 48.23 19.02 -47.97
C PRO E 207 48.57 18.72 -46.51
N ARG E 208 49.05 17.50 -46.29
CA ARG E 208 49.44 17.00 -44.98
C ARG E 208 48.22 17.04 -44.08
N ASN E 209 47.16 17.68 -44.60
CA ASN E 209 45.88 17.85 -43.94
C ASN E 209 45.00 16.62 -44.24
N HIS E 210 44.87 15.73 -43.27
CA HIS E 210 44.12 14.50 -43.42
C HIS E 210 42.60 14.54 -43.58
N PHE E 211 42.07 13.57 -44.32
CA PHE E 211 40.64 13.42 -44.61
C PHE E 211 40.26 11.96 -44.71
N ARG E 212 39.43 11.48 -43.79
CA ARG E 212 39.02 10.08 -43.84
C ARG E 212 37.51 9.90 -43.63
N CYS E 213 36.94 8.96 -44.36
CA CYS E 213 35.52 8.65 -44.25
C CYS E 213 35.38 7.38 -43.40
N GLN E 214 34.27 7.25 -42.69
CA GLN E 214 34.08 6.09 -41.87
C GLN E 214 32.72 5.42 -41.97
N VAL E 215 32.76 4.12 -42.26
CA VAL E 215 31.57 3.30 -42.31
C VAL E 215 31.77 2.69 -40.92
N GLN E 216 30.70 2.40 -40.19
CA GLN E 216 30.86 1.96 -38.80
C GLN E 216 30.90 0.51 -38.33
N PHE E 217 30.40 -0.44 -39.11
CA PHE E 217 30.43 -1.83 -38.65
C PHE E 217 29.52 -1.99 -37.43
N TYR E 218 28.39 -2.65 -37.65
CA TYR E 218 27.45 -2.93 -36.57
C TYR E 218 26.62 -4.15 -36.92
N GLY E 219 27.19 -5.32 -36.64
CA GLY E 219 26.50 -6.57 -36.92
C GLY E 219 27.26 -7.56 -37.75
N LEU E 220 27.09 -8.85 -37.45
CA LEU E 220 27.80 -9.82 -38.29
C LEU E 220 27.35 -11.33 -38.27
N SER E 221 27.47 -11.96 -39.43
CA SER E 221 27.19 -13.37 -39.76
C SER E 221 26.48 -14.42 -38.92
N GLU E 222 25.24 -14.69 -39.35
CA GLU E 222 24.32 -15.67 -38.80
C GLU E 222 24.89 -17.07 -39.11
N ASN E 223 24.61 -18.06 -38.26
CA ASN E 223 25.08 -19.43 -38.48
C ASN E 223 23.99 -20.21 -39.25
N ASP E 224 23.12 -20.85 -38.45
CA ASP E 224 21.98 -21.70 -38.84
C ASP E 224 21.33 -21.60 -40.22
N GLU E 225 21.95 -22.40 -41.08
CA GLU E 225 21.67 -22.61 -42.48
C GLU E 225 23.10 -22.73 -42.99
N TRP E 226 23.92 -23.36 -42.14
CA TRP E 226 25.33 -23.71 -42.39
C TRP E 226 26.53 -22.75 -42.61
N THR E 227 26.80 -21.89 -41.65
CA THR E 227 27.89 -20.90 -41.61
C THR E 227 28.87 -20.66 -42.80
N GLN E 228 30.03 -20.07 -42.47
CA GLN E 228 31.13 -19.71 -43.39
C GLN E 228 31.23 -20.40 -44.75
N ASP E 229 31.37 -19.61 -45.81
CA ASP E 229 31.49 -20.13 -47.17
C ASP E 229 32.94 -20.03 -47.65
N ARG E 230 33.58 -18.93 -47.27
CA ARG E 230 34.97 -18.65 -47.66
C ARG E 230 35.17 -17.18 -47.30
N ALA E 231 36.31 -16.86 -46.69
CA ALA E 231 36.63 -15.49 -46.31
C ALA E 231 35.69 -14.89 -45.26
N LYS E 232 34.41 -15.26 -45.31
CA LYS E 232 33.39 -14.80 -44.36
C LYS E 232 33.96 -14.20 -43.07
N PRO E 233 34.03 -12.85 -43.00
CA PRO E 233 34.57 -12.19 -41.80
C PRO E 233 33.58 -11.47 -40.88
N VAL E 234 34.07 -11.21 -39.66
CA VAL E 234 33.33 -10.56 -38.59
C VAL E 234 32.99 -9.08 -38.77
N THR E 235 32.47 -8.48 -37.71
CA THR E 235 32.09 -7.07 -37.66
C THR E 235 33.14 -6.22 -38.34
N GLN E 236 33.00 -6.11 -39.65
CA GLN E 236 33.94 -5.35 -40.47
C GLN E 236 33.87 -3.85 -40.28
N ILE E 237 35.03 -3.24 -40.07
CA ILE E 237 35.15 -1.78 -39.92
C ILE E 237 35.89 -1.33 -41.16
N VAL E 238 35.36 -0.33 -41.85
CA VAL E 238 35.99 0.13 -43.08
C VAL E 238 36.13 1.63 -43.18
N SER E 239 37.17 2.07 -43.88
CA SER E 239 37.40 3.50 -44.07
C SER E 239 38.06 3.83 -45.39
N ALA E 240 38.20 5.13 -45.65
CA ALA E 240 38.83 5.62 -46.88
C ALA E 240 39.43 6.97 -46.54
N GLU E 241 40.68 7.16 -46.93
CA GLU E 241 41.38 8.41 -46.64
C GLU E 241 41.61 9.21 -47.91
N ALA E 242 42.18 10.39 -47.72
CA ALA E 242 42.48 11.26 -48.83
C ALA E 242 43.09 12.54 -48.29
N TRP E 243 44.10 13.06 -48.97
CA TRP E 243 44.74 14.30 -48.56
C TRP E 243 44.40 15.32 -49.64
N GLY E 244 44.38 16.60 -49.28
CA GLY E 244 44.07 17.61 -50.26
C GLY E 244 45.36 17.98 -50.96
N ARG E 245 45.26 18.85 -51.96
CA ARG E 245 46.45 19.32 -52.67
C ARG E 245 46.12 20.34 -53.74
N ALA E 246 46.95 21.37 -53.84
CA ALA E 246 46.75 22.42 -54.82
C ALA E 246 47.28 21.96 -56.17
N ASP E 247 48.41 21.25 -56.13
CA ASP E 247 49.05 20.71 -57.34
C ASP E 247 49.31 21.76 -58.43
N VAL F 4 -10.98 53.41 11.08
CA VAL F 4 -11.74 52.56 12.04
C VAL F 4 -13.14 53.11 12.18
N SER F 5 -14.11 52.23 11.97
CA SER F 5 -15.52 52.61 12.05
C SER F 5 -16.30 51.77 13.04
N GLN F 6 -17.49 52.26 13.34
CA GLN F 6 -18.41 51.58 14.22
C GLN F 6 -19.68 51.66 13.38
N HIS F 7 -19.62 51.00 12.23
CA HIS F 7 -20.72 50.99 11.26
C HIS F 7 -22.14 51.13 11.78
N PRO F 8 -22.42 50.63 13.01
CA PRO F 8 -23.79 50.77 13.53
C PRO F 8 -23.82 51.91 14.58
N SER F 9 -23.47 53.12 14.15
CA SER F 9 -23.42 54.33 15.00
C SER F 9 -24.43 54.38 16.14
N ARG F 10 -25.41 55.27 16.08
CA ARG F 10 -26.41 55.31 17.14
C ARG F 10 -27.58 54.45 16.71
N VAL F 11 -28.40 54.03 17.66
CA VAL F 11 -29.55 53.18 17.34
C VAL F 11 -30.42 52.89 18.55
N ILE F 12 -31.67 52.55 18.29
CA ILE F 12 -32.64 52.27 19.33
C ILE F 12 -32.66 50.82 19.84
N ALA F 13 -31.68 50.51 20.67
CA ALA F 13 -31.74 49.17 21.31
C ALA F 13 -32.89 49.10 22.31
N LYS F 14 -33.58 48.03 22.41
CA LYS F 14 -34.73 47.99 23.31
C LYS F 14 -34.59 46.99 24.45
N SER F 15 -35.67 46.77 25.19
CA SER F 15 -35.69 45.86 26.33
C SER F 15 -35.55 44.41 25.85
N GLY F 16 -34.85 43.58 26.63
CA GLY F 16 -34.66 42.21 26.21
C GLY F 16 -34.10 42.30 24.81
N THR F 17 -32.87 42.80 24.70
CA THR F 17 -32.23 42.98 23.42
C THR F 17 -30.71 42.91 23.49
N SER F 18 -30.09 42.35 22.45
CA SER F 18 -28.63 42.25 22.40
C SER F 18 -28.21 43.24 21.31
N VAL F 19 -27.10 43.94 21.54
CA VAL F 19 -26.67 44.93 20.57
C VAL F 19 -25.50 44.56 19.68
N LYS F 20 -25.62 44.94 18.41
CA LYS F 20 -24.61 44.71 17.41
C LYS F 20 -23.86 46.00 17.20
N ILE F 21 -22.55 45.91 17.07
CA ILE F 21 -21.71 47.10 16.88
C ILE F 21 -20.41 46.58 16.30
N GLU F 22 -20.20 46.71 15.00
CA GLU F 22 -19.00 46.16 14.40
C GLU F 22 -17.89 47.09 13.93
N CYS F 23 -16.80 47.10 14.71
CA CYS F 23 -15.62 47.89 14.42
C CYS F 23 -15.02 47.29 13.16
N ARG F 24 -14.66 48.11 12.18
CA ARG F 24 -14.10 47.59 10.95
C ARG F 24 -13.00 48.53 10.47
N SER F 25 -12.10 48.05 9.61
CA SER F 25 -11.03 48.90 9.09
C SER F 25 -10.45 48.38 7.77
N LEU F 26 -11.32 48.15 6.79
CA LEU F 26 -10.86 47.62 5.51
C LEU F 26 -10.13 48.63 4.63
N ASP F 27 -8.84 48.81 4.91
CA ASP F 27 -7.95 49.72 4.20
C ASP F 27 -6.76 49.83 5.14
N PHE F 28 -6.71 48.89 6.06
CA PHE F 28 -5.70 48.82 7.09
C PHE F 28 -5.35 47.37 7.41
N GLN F 29 -4.82 47.16 8.60
CA GLN F 29 -4.40 45.85 9.14
C GLN F 29 -4.52 46.13 10.64
N ALA F 30 -5.01 45.17 11.42
CA ALA F 30 -5.17 45.43 12.85
C ALA F 30 -4.26 44.62 13.75
N THR F 31 -4.65 44.52 15.01
CA THR F 31 -3.90 43.77 16.00
C THR F 31 -4.78 43.49 17.22
N THR F 32 -4.95 44.48 18.08
CA THR F 32 -5.78 44.33 19.27
C THR F 32 -6.74 45.52 19.35
N MET F 33 -7.93 45.28 19.89
CA MET F 33 -8.91 46.36 20.00
C MET F 33 -9.56 46.46 21.36
N PHE F 34 -9.73 47.70 21.82
CA PHE F 34 -10.33 47.99 23.12
C PHE F 34 -11.75 48.51 22.91
N TRP F 35 -12.47 48.65 24.02
CA TRP F 35 -13.84 49.16 23.98
C TRP F 35 -14.06 50.01 25.21
N TYR F 36 -13.55 51.23 25.19
CA TYR F 36 -13.70 52.15 26.31
C TYR F 36 -15.16 52.58 26.37
N ARG F 37 -15.75 52.49 27.55
CA ARG F 37 -17.15 52.85 27.75
C ARG F 37 -17.29 54.24 28.38
N GLN F 38 -18.48 54.55 28.89
CA GLN F 38 -18.74 55.83 29.53
C GLN F 38 -20.24 56.03 29.75
N PHE F 39 -20.60 57.31 29.90
CA PHE F 39 -21.97 57.77 30.06
C PHE F 39 -21.84 59.01 29.19
N PRO F 40 -22.84 59.89 29.14
CA PRO F 40 -22.52 61.01 28.26
C PRO F 40 -21.56 61.98 28.95
N LYS F 41 -21.09 61.59 30.13
CA LYS F 41 -20.20 62.42 30.91
C LYS F 41 -19.69 61.72 32.16
N GLN F 42 -18.39 61.45 32.14
CA GLN F 42 -17.64 60.82 33.23
C GLN F 42 -16.29 60.52 32.60
N SER F 43 -16.31 60.01 31.35
CA SER F 43 -15.08 59.71 30.54
C SER F 43 -14.67 58.27 30.14
N LEU F 44 -13.39 58.18 29.79
CA LEU F 44 -12.68 57.00 29.35
C LEU F 44 -12.86 55.79 30.27
N MET F 45 -14.07 55.27 30.35
CA MET F 45 -14.33 54.12 31.21
C MET F 45 -13.95 52.92 30.35
N LEU F 46 -14.15 51.70 30.84
CA LEU F 46 -13.75 50.55 30.03
C LEU F 46 -14.71 49.38 29.97
N MET F 47 -14.28 48.39 29.21
CA MET F 47 -15.02 47.16 29.01
C MET F 47 -13.97 46.06 28.88
N ALA F 48 -13.94 45.38 27.75
CA ALA F 48 -12.97 44.32 27.55
C ALA F 48 -12.04 44.69 26.40
N THR F 49 -11.50 43.67 25.75
CA THR F 49 -10.59 43.88 24.62
C THR F 49 -10.03 42.55 24.15
N SER F 50 -8.94 42.61 23.42
CA SER F 50 -8.25 41.44 22.92
C SER F 50 -6.81 41.71 23.29
N ALA F 51 -5.89 40.85 22.88
CA ALA F 51 -4.48 41.06 23.18
C ALA F 51 -3.65 40.50 22.04
N GLU F 52 -2.39 40.93 21.95
CA GLU F 52 -1.50 40.49 20.88
C GLU F 52 -2.41 40.40 19.67
N GLY F 53 -2.25 39.36 18.86
CA GLY F 53 -3.15 39.25 17.75
C GLY F 53 -4.50 39.00 18.37
N SER F 54 -4.61 37.89 19.09
CA SER F 54 -5.85 37.51 19.75
C SER F 54 -5.59 36.53 20.89
N LYS F 55 -5.41 37.06 22.09
CA LYS F 55 -5.16 36.25 23.29
C LYS F 55 -6.36 36.38 24.23
N ALA F 56 -7.54 36.00 23.75
CA ALA F 56 -8.75 36.08 24.56
C ALA F 56 -9.03 37.53 24.95
N THR F 57 -9.90 37.72 25.94
CA THR F 57 -10.31 39.05 26.38
C THR F 57 -9.18 39.89 27.03
N GLY F 61 -12.63 46.05 37.66
CA GLY F 61 -13.58 45.58 38.71
C GLY F 61 -13.93 44.11 38.53
N VAL F 62 -15.18 43.77 38.81
CA VAL F 62 -15.65 42.39 38.66
C VAL F 62 -17.13 42.39 38.24
N GLU F 63 -17.73 43.58 38.22
CA GLU F 63 -19.11 43.74 37.82
C GLU F 63 -19.15 44.26 36.38
N LYS F 64 -19.06 43.32 35.44
CA LYS F 64 -19.06 43.64 34.02
C LYS F 64 -18.68 42.37 33.27
N LYS F 66 -22.24 41.72 31.01
CA LYS F 66 -23.17 41.58 29.84
C LYS F 66 -22.77 42.51 28.70
N PHE F 67 -21.48 42.87 28.69
CA PHE F 67 -20.93 43.73 27.64
C PHE F 67 -19.91 42.90 26.87
N LEU F 68 -20.33 41.75 26.37
CA LEU F 68 -19.45 40.84 25.63
C LEU F 68 -18.74 41.46 24.43
N ILE F 69 -17.71 40.76 23.98
CA ILE F 69 -16.90 41.18 22.85
C ILE F 69 -16.29 39.92 22.25
N ASN F 70 -15.93 39.97 20.97
CA ASN F 70 -15.35 38.82 20.32
C ASN F 70 -14.62 39.17 19.04
N HIS F 71 -13.38 39.62 19.20
CA HIS F 71 -12.54 40.00 18.08
C HIS F 71 -12.53 38.81 17.12
N ALA F 72 -12.56 39.08 15.82
CA ALA F 72 -12.56 38.01 14.82
C ALA F 72 -11.45 38.17 13.81
N SER F 73 -11.76 38.81 12.71
CA SER F 73 -10.74 39.05 11.69
C SER F 73 -9.95 40.25 12.12
N LEU F 74 -8.82 40.46 11.49
CA LEU F 74 -8.03 41.62 11.84
C LEU F 74 -8.99 42.77 11.60
N THR F 75 -10.00 42.51 10.77
CA THR F 75 -11.04 43.48 10.43
C THR F 75 -12.12 43.64 11.49
N LEU F 76 -13.02 42.65 11.57
CA LEU F 76 -14.15 42.67 12.50
C LEU F 76 -13.86 42.42 13.98
N SER F 77 -14.86 42.70 14.81
CA SER F 77 -14.84 42.51 16.25
C SER F 77 -15.99 43.34 16.82
N THR F 78 -17.06 42.68 17.24
CA THR F 78 -18.19 43.41 17.79
C THR F 78 -18.33 43.22 19.28
N LEU F 79 -19.15 44.09 19.86
CA LEU F 79 -19.43 44.06 21.28
C LEU F 79 -20.90 43.75 21.42
N THR F 80 -21.23 42.74 22.22
CA THR F 80 -22.63 42.39 22.38
C THR F 80 -23.11 42.77 23.77
N VAL F 81 -24.18 43.55 23.82
CA VAL F 81 -24.76 43.93 25.09
C VAL F 81 -26.19 43.37 25.12
N THR F 82 -26.48 42.57 26.14
CA THR F 82 -27.80 41.95 26.28
C THR F 82 -28.62 42.68 27.34
N SER F 83 -29.60 43.43 26.86
CA SER F 83 -30.50 44.22 27.68
C SER F 83 -30.44 44.08 29.19
N ALA F 84 -29.80 45.07 29.80
CA ALA F 84 -29.70 45.17 31.25
C ALA F 84 -30.68 46.31 31.47
N HIS F 85 -30.89 46.75 32.70
CA HIS F 85 -31.84 47.85 32.91
C HIS F 85 -31.41 49.06 32.08
N PRO F 86 -32.33 50.01 31.86
CA PRO F 86 -32.05 51.20 31.06
C PRO F 86 -30.96 52.24 31.36
N GLU F 87 -29.82 52.05 30.70
CA GLU F 87 -28.74 53.02 30.72
C GLU F 87 -28.82 52.95 29.21
N ASP F 88 -29.20 54.04 28.57
CA ASP F 88 -29.41 53.96 27.15
C ASP F 88 -28.39 54.54 26.18
N SER F 89 -27.11 54.45 26.51
CA SER F 89 -26.04 54.95 25.63
C SER F 89 -24.84 55.49 26.38
N SER F 90 -23.80 55.73 25.62
CA SER F 90 -22.53 56.27 26.06
C SER F 90 -21.79 55.83 24.83
N PHE F 91 -21.12 56.78 24.18
CA PHE F 91 -20.39 56.42 22.98
C PHE F 91 -19.62 55.12 23.23
N TYR F 92 -20.09 54.02 22.65
CA TYR F 92 -19.36 52.77 22.79
C TYR F 92 -18.34 52.99 21.68
N ILE F 93 -17.06 52.86 22.01
CA ILE F 93 -16.04 53.11 21.01
C ILE F 93 -14.93 52.08 20.90
N CYS F 94 -14.34 52.00 19.72
CA CYS F 94 -13.25 51.07 19.46
C CYS F 94 -12.06 51.79 18.84
N TYR F 108 -4.97 54.56 17.08
CA TYR F 108 -6.17 54.58 16.20
C TYR F 108 -7.47 54.50 16.99
N PHE F 109 -8.43 55.35 16.62
CA PHE F 109 -9.72 55.40 17.30
C PHE F 109 -10.85 55.43 16.29
N GLY F 110 -12.04 55.03 16.72
CA GLY F 110 -13.19 55.04 15.83
C GLY F 110 -14.28 55.97 16.32
N PRO F 111 -15.27 56.26 15.46
CA PRO F 111 -16.42 57.13 15.75
C PRO F 111 -17.20 56.68 16.97
N GLY F 112 -18.42 57.15 17.09
CA GLY F 112 -19.23 56.78 18.24
C GLY F 112 -20.48 55.97 17.91
N THR F 113 -20.91 55.16 18.87
CA THR F 113 -22.12 54.36 18.71
C THR F 113 -23.03 54.58 19.90
N ARG F 114 -24.25 55.02 19.64
CA ARG F 114 -25.21 55.26 20.71
C ARG F 114 -26.16 54.08 20.87
N LEU F 115 -26.98 54.15 21.92
CA LEU F 115 -27.96 53.12 22.23
C LEU F 115 -29.16 53.83 22.82
N THR F 116 -30.08 53.07 23.43
CA THR F 116 -31.27 53.67 24.03
C THR F 116 -32.36 52.68 24.42
N VAL F 117 -33.56 53.22 24.69
CA VAL F 117 -34.75 52.46 25.04
C VAL F 117 -35.92 53.37 24.68
N PRO F 125 -39.73 60.82 20.33
CA PRO F 125 -39.25 61.90 21.23
C PRO F 125 -38.73 63.09 20.40
N PRO F 126 -39.61 63.76 19.64
CA PRO F 126 -39.11 64.88 18.85
C PRO F 126 -39.91 66.18 18.83
N GLU F 127 -40.16 66.63 17.60
CA GLU F 127 -40.87 67.86 17.26
C GLU F 127 -40.41 69.08 18.02
N VAL F 128 -39.49 69.77 17.37
CA VAL F 128 -38.86 70.97 17.87
C VAL F 128 -39.48 72.19 17.22
N ALA F 129 -38.90 73.34 17.53
CA ALA F 129 -39.31 74.62 16.97
C ALA F 129 -38.01 75.12 16.35
N VAL F 130 -38.08 76.15 15.54
CA VAL F 130 -36.87 76.68 14.93
C VAL F 130 -36.88 78.16 15.17
N PHE F 131 -35.15 80.29 14.80
CA PHE F 131 -36.40 80.86 14.34
C PHE F 131 -36.44 81.40 12.94
N GLU F 132 -35.47 82.25 12.62
CA GLU F 132 -35.34 82.92 11.34
C GLU F 132 -34.57 84.16 11.71
N PRO F 133 -33.75 84.65 10.79
CA PRO F 133 -32.93 85.85 11.03
C PRO F 133 -31.87 85.55 12.07
N VAL F 147 -30.93 82.28 14.96
CA VAL F 147 -31.11 81.44 16.18
C VAL F 147 -32.00 80.24 15.86
N CYS F 148 -31.62 79.07 16.37
CA CYS F 148 -32.40 77.86 16.15
C CYS F 148 -32.90 77.30 17.48
N LEU F 149 -33.38 76.06 17.44
CA LEU F 149 -33.89 75.41 18.64
C LEU F 149 -34.31 73.97 18.35
N ALA F 150 -34.12 73.08 19.32
CA ALA F 150 -34.49 71.69 19.16
C ALA F 150 -35.07 71.21 20.49
N THR F 151 -36.39 71.25 20.62
CA THR F 151 -37.05 70.84 21.87
C THR F 151 -38.17 69.82 21.69
N GLY F 152 -38.26 68.88 22.63
CA GLY F 152 -39.30 67.86 22.58
C GLY F 152 -38.82 66.46 22.86
N PHE F 153 -37.51 66.30 23.08
CA PHE F 153 -36.94 64.99 23.35
C PHE F 153 -36.61 64.81 24.83
N ASN F 187 -40.63 58.56 38.04
CA ASN F 187 -40.37 59.86 37.35
C ASN F 187 -39.79 59.62 35.97
N ASP F 188 -39.68 60.70 35.18
CA ASP F 188 -39.17 60.61 33.83
C ASP F 188 -37.76 61.16 33.62
N SER F 189 -37.64 62.49 33.70
CA SER F 189 -36.39 63.21 33.49
C SER F 189 -36.24 63.51 32.00
N ARG F 190 -36.90 64.56 31.55
CA ARG F 190 -36.85 64.97 30.15
C ARG F 190 -35.84 66.09 29.93
N TYR F 191 -35.52 66.40 28.68
CA TYR F 191 -34.54 67.44 28.41
C TYR F 191 -34.80 68.38 27.24
N ALA F 192 -33.75 69.12 26.93
CA ALA F 192 -33.69 70.09 25.86
C ALA F 192 -32.20 70.22 25.56
N LEU F 193 -31.87 70.59 24.34
CA LEU F 193 -30.49 70.76 23.91
C LEU F 193 -30.57 71.97 23.00
N SER F 194 -29.64 72.91 23.15
CA SER F 194 -29.73 74.11 22.32
C SER F 194 -28.47 74.49 21.56
N SER F 195 -28.67 75.27 20.51
CA SER F 195 -27.59 75.76 19.67
C SER F 195 -27.97 77.18 19.31
N ARG F 196 -27.65 77.59 18.08
CA ARG F 196 -27.94 78.94 17.59
C ARG F 196 -26.91 79.34 16.55
N LEU F 197 -27.20 80.40 15.80
CA LEU F 197 -26.30 80.90 14.77
C LEU F 197 -26.05 82.39 14.95
N GLN F 205 -28.86 89.19 3.70
CA GLN F 205 -30.27 88.72 3.57
C GLN F 205 -30.42 87.83 2.34
N ASN F 206 -29.32 87.15 1.98
CA ASN F 206 -29.28 86.24 0.83
C ASN F 206 -30.60 85.47 0.69
N PRO F 207 -31.00 85.17 -0.56
CA PRO F 207 -32.26 84.45 -0.80
C PRO F 207 -32.37 83.11 -0.05
N ARG F 208 -33.46 82.40 -0.30
CA ARG F 208 -33.81 81.12 0.33
C ARG F 208 -32.77 80.19 1.00
N ASN F 209 -31.50 80.60 1.08
CA ASN F 209 -30.43 79.81 1.70
C ASN F 209 -30.87 78.94 2.89
N HIS F 210 -29.98 78.06 3.36
CA HIS F 210 -30.34 77.16 4.46
C HIS F 210 -29.31 76.92 5.57
N PHE F 211 -29.82 76.40 6.69
CA PHE F 211 -29.05 76.02 7.87
C PHE F 211 -29.85 74.85 8.44
N ARG F 212 -29.21 73.71 8.65
CA ARG F 212 -29.92 72.53 9.14
C ARG F 212 -29.26 71.79 10.30
N VAL F 215 -29.26 67.55 14.10
CA VAL F 215 -29.13 67.32 15.57
C VAL F 215 -29.36 65.86 15.89
N GLN F 216 -29.95 65.56 17.05
CA GLN F 216 -30.12 64.16 17.37
C GLN F 216 -31.14 63.73 18.43
N PHE F 217 -31.43 62.43 18.36
CA PHE F 217 -32.32 61.71 19.25
C PHE F 217 -31.88 60.29 18.93
N TYR F 218 -31.92 59.38 19.90
CA TYR F 218 -31.46 58.02 19.63
C TYR F 218 -32.05 56.97 20.53
N VAL F 234 -38.53 54.36 15.94
CA VAL F 234 -37.36 53.69 15.33
C VAL F 234 -36.41 54.72 14.72
N THR F 235 -35.15 54.71 15.18
CA THR F 235 -34.09 55.63 14.74
C THR F 235 -34.33 57.07 15.22
N GLN F 236 -34.21 58.03 14.29
CA GLN F 236 -34.42 59.47 14.52
C GLN F 236 -33.35 60.36 13.90
N ILE F 237 -33.71 61.63 13.74
CA ILE F 237 -32.86 62.70 13.18
C ILE F 237 -33.84 63.74 12.68
N VAL F 238 -33.36 64.98 12.49
CA VAL F 238 -34.25 66.04 12.02
C VAL F 238 -33.44 67.24 11.50
N SER F 239 -33.99 68.44 11.70
CA SER F 239 -33.33 69.65 11.25
C SER F 239 -34.22 70.86 11.53
N ALA F 240 -33.88 71.97 10.89
CA ALA F 240 -34.61 73.22 11.02
C ALA F 240 -34.01 74.11 9.94
N GLU F 241 -34.24 73.72 8.69
CA GLU F 241 -33.72 74.47 7.55
C GLU F 241 -33.85 75.98 7.73
#